data_2JT9
#
_entry.id   2JT9
#
_cell.length_a   1.000
_cell.length_b   1.000
_cell.length_c   1.000
_cell.angle_alpha   90.00
_cell.angle_beta   90.00
_cell.angle_gamma   90.00
#
_symmetry.space_group_name_H-M   'P 1'
#
loop_
_entity.id
_entity.type
_entity.pdbx_description
1 polymer '5-mer immunosuppressory peptide from cyclolinopeptide X'
2 polymer 'Modified 16-mer immunosuppressory peptide from Homeotic protein antennapedia'
3 non-polymer 'GAMMA-AMINO-BUTANOIC ACID'
4 non-polymer '6-AMINOHEXANOIC ACID'
#
loop_
_entity_poly.entity_id
_entity_poly.type
_entity_poly.pdbx_seq_one_letter_code
_entity_poly.pdbx_strand_id
1 'polypeptide(L)' PPILL A
2 'polypeptide(L)' RQIKI(NAL)FQNRR(NLE)K(NAL)KK(NH2) B
#
loop_
_chem_comp.id
_chem_comp.type
_chem_comp.name
_chem_comp.formula
ABU non-polymer 'GAMMA-AMINO-BUTANOIC ACID' 'C4 H9 N O2'
NH2 non-polymer 'AMINO GROUP' 'H2 N'
#
# COMPACT_ATOMS: atom_id res chain seq x y z
N PRO A 1 5.54 4.73 4.91
CA PRO A 1 5.10 5.34 3.66
C PRO A 1 3.67 4.96 3.25
N PRO A 2 2.68 5.18 4.13
CA PRO A 2 1.26 4.86 3.86
C PRO A 2 0.62 5.73 2.78
N ILE A 3 -0.11 5.07 1.86
CA ILE A 3 -0.83 5.72 0.76
C ILE A 3 -0.28 7.09 0.40
N LEU A 4 1.04 7.18 0.30
CA LEU A 4 1.70 8.44 -0.04
C LEU A 4 2.26 8.43 -1.45
N LEU A 5 2.12 7.29 -2.12
CA LEU A 5 2.62 7.12 -3.48
C LEU A 5 4.13 6.86 -3.45
N ARG B 1 4.65 0.41 1.91
CA ARG B 1 4.43 -0.80 2.70
C ARG B 1 3.72 -0.55 4.03
N GLN B 2 3.52 0.72 4.42
CA GLN B 2 2.82 1.01 5.67
C GLN B 2 1.36 0.63 5.52
N ILE B 3 0.69 1.32 4.60
CA ILE B 3 -0.70 1.01 4.31
C ILE B 3 -0.72 -0.26 3.48
N LYS B 4 -0.09 -1.29 4.05
CA LYS B 4 0.00 -2.59 3.42
C LYS B 4 -1.35 -3.27 3.54
N ILE B 5 -2.35 -2.47 3.24
CA ILE B 5 -3.73 -2.87 3.27
C ILE B 5 -4.32 -2.64 1.89
C1 NAL B 6 -5.94 0.96 2.00
C2 NAL B 6 -6.12 -0.21 1.29
C3 NAL B 6 -6.82 -1.26 1.87
C4 NAL B 6 -7.35 -1.15 3.15
C4A NAL B 6 -7.19 0.03 3.87
C5 NAL B 6 -7.72 0.16 5.15
C6 NAL B 6 -7.52 1.34 5.85
C7 NAL B 6 -6.79 2.38 5.30
C8 NAL B 6 -6.26 2.27 4.03
C8A NAL B 6 -6.46 1.09 3.29
C9 NAL B 6 -5.53 -0.36 -0.08
CA NAL B 6 -4.29 -1.26 -0.14
C NAL B 6 -3.19 -0.57 -0.96
N NAL B 6 -3.82 -1.60 1.20
O NAL B 6 -2.50 -1.23 -1.75
H1 NAL B 6 -5.38 1.76 1.55
H3 NAL B 6 -6.94 -2.18 1.32
H4 NAL B 6 -7.91 -1.98 3.56
H5 NAL B 6 -8.28 -0.63 5.61
H6 NAL B 6 -7.94 1.45 6.84
H7 NAL B 6 -6.64 3.29 5.87
H8 NAL B 6 -5.71 3.09 3.61
H91 NAL B 6 -6.30 -0.79 -0.72
H92 NAL B 6 -5.28 0.61 -0.45
HA NAL B 6 -4.55 -2.19 -0.63
H NAL B 6 -3.13 -1.05 1.61
N PHE B 7 -3.03 0.74 -0.81
CA PHE B 7 -2.02 1.49 -1.56
C PHE B 7 -0.64 0.91 -1.36
N GLN B 8 -0.24 0.76 -0.10
CA GLN B 8 1.05 0.17 0.21
C GLN B 8 0.88 -1.34 0.29
N ASN B 9 -0.19 -1.84 -0.34
CA ASN B 9 -0.52 -3.26 -0.36
C ASN B 9 -0.80 -3.77 -1.77
N ARG B 10 -1.01 -2.89 -2.74
CA ARG B 10 -1.33 -3.33 -4.11
C ARG B 10 -2.44 -4.36 -4.04
N ARG B 11 -3.23 -4.30 -2.98
CA ARG B 11 -4.27 -5.28 -2.73
C ARG B 11 -3.64 -6.41 -1.91
N NLE B 12 -2.32 -6.60 -2.09
CA NLE B 12 -1.56 -7.61 -1.36
C NLE B 12 -0.14 -7.11 -0.99
O NLE B 12 0.24 -7.13 0.17
CB NLE B 12 -1.46 -8.93 -2.15
CG NLE B 12 -2.36 -9.03 -3.37
CD NLE B 12 -1.56 -9.05 -4.66
CE NLE B 12 -0.77 -7.78 -4.85
H NLE B 12 -1.83 -6.01 -2.71
HA NLE B 12 -2.10 -7.78 -0.45
HB2 NLE B 12 -1.70 -9.75 -1.49
HB3 NLE B 12 -0.44 -9.06 -2.48
HG2 NLE B 12 -3.04 -8.19 -3.39
HG3 NLE B 12 -2.93 -9.95 -3.31
HD2 NLE B 12 -2.24 -9.16 -5.50
HD3 NLE B 12 -0.87 -9.87 -4.64
HE1 NLE B 12 -0.83 -7.47 -5.89
HE2 NLE B 12 0.27 -7.96 -4.60
HE3 NLE B 12 -1.16 -7.00 -4.21
N LYS B 13 0.62 -6.64 -2.00
CA LYS B 13 1.99 -6.12 -1.76
C LYS B 13 1.95 -4.60 -1.56
C1 NAL B 14 5.18 -1.73 -3.21
C2 NAL B 14 3.99 -1.11 -2.86
C3 NAL B 14 3.70 0.15 -3.34
C4 NAL B 14 4.57 0.83 -4.17
C4A NAL B 14 5.78 0.22 -4.54
C5 NAL B 14 6.67 0.88 -5.39
C6 NAL B 14 7.87 0.27 -5.72
C7 NAL B 14 8.19 -0.98 -5.23
C8 NAL B 14 7.31 -1.66 -4.39
C8A NAL B 14 6.10 -1.06 -4.04
C9 NAL B 14 3.02 -1.79 -1.93
CA NAL B 14 1.79 -2.38 -2.61
C NAL B 14 1.59 -1.77 -3.99
N NAL B 14 1.85 -3.85 -2.67
O NAL B 14 2.40 -1.95 -4.89
H1 NAL B 14 5.40 -2.71 -2.83
H3 NAL B 14 2.77 0.62 -3.05
H4 NAL B 14 4.31 1.80 -4.54
H5 NAL B 14 6.45 1.87 -5.77
H6 NAL B 14 8.56 0.77 -6.38
H7 NAL B 14 9.12 -1.44 -5.49
H8 NAL B 14 7.57 -2.63 -4.04
H91 NAL B 14 3.55 -2.57 -1.40
H92 NAL B 14 2.67 -1.05 -1.23
HA NAL B 14 0.94 -2.14 -2.02
H NAL B 14 1.80 -4.28 -3.54
N LYS B 15 0.48 -1.03 -4.13
CA LYS B 15 0.16 -0.37 -5.38
C LYS B 15 -1.10 0.48 -5.23
N LYS B 16 -2.24 -0.18 -5.18
CA LYS B 16 -3.53 0.49 -5.05
C LYS B 16 -4.18 0.14 -3.71
N NH2 B 17 -4.37 -1.16 -3.48
HN1 NH2 B 17 -4.80 -1.42 -2.64
HN2 NH2 B 17 -4.08 -1.79 -4.16
N ABU C . 6.69 2.00 9.51
CD ABU C . 6.89 3.43 9.16
CB ABU C . 5.88 3.96 8.16
CG ABU C . 6.61 4.78 7.09
C ABU C . 5.65 5.40 6.08
OXT ABU C . 5.38 6.60 6.15
H ABU C . 7.58 1.59 9.87
H3 ABU C . 5.96 1.90 10.24
H2 ABU C . 6.41 1.47 8.67
HA1 ABU C . 7.85 3.58 8.70
HA2 ABU C . 6.84 4.05 10.06
HB1 ABU C . 5.16 4.58 8.67
HB2 ABU C . 5.38 3.13 7.69
HG1 ABU C . 7.31 4.15 6.58
HG2 ABU C . 7.15 5.59 7.58
C ACA D . 5.11 0.32 0.67
OXT ACA D . 5.37 -0.76 0.13
C2 ACA D . 5.74 1.60 0.15
C3 ACA D . 5.25 1.95 -1.25
C4 ACA D . 5.07 3.45 -1.41
C5 ACA D . 6.20 4.08 -2.23
C6 ACA D . 5.94 5.54 -2.50
N ACA D . 4.52 5.90 -2.64
H21 ACA D . 5.49 2.41 0.81
H22 ACA D . 6.81 1.48 0.13
H31 ACA D . 5.97 1.60 -1.97
H32 ACA D . 4.30 1.47 -1.41
H41 ACA D . 4.14 3.64 -1.90
H42 ACA D . 5.06 3.92 -0.43
H51 ACA D . 7.13 3.98 -1.68
H52 ACA D . 6.28 3.55 -3.17
H61 ACA D . 6.34 5.99 -1.65
H62 ACA D . 6.45 5.89 -3.42
H ACA D . 3.85 5.41 -2.12
N PRO A 1 5.66 4.81 4.48
CA PRO A 1 5.10 5.40 3.29
C PRO A 1 3.64 4.98 3.01
N PRO A 2 2.75 5.09 4.01
CA PRO A 2 1.34 4.72 3.85
C PRO A 2 0.60 5.56 2.82
N ILE A 3 0.06 4.88 1.79
CA ILE A 3 -0.70 5.52 0.71
C ILE A 3 0.05 6.68 0.05
N LEU A 4 0.50 7.65 0.84
CA LEU A 4 1.23 8.83 0.34
C LEU A 4 1.85 8.59 -1.03
N LEU A 5 2.86 7.72 -1.09
CA LEU A 5 3.54 7.40 -2.33
C LEU A 5 4.83 6.65 -2.08
N ARG B 1 4.71 0.21 1.98
CA ARG B 1 4.39 -1.03 2.68
C ARG B 1 3.71 -0.79 4.02
N GLN B 2 3.55 0.47 4.43
CA GLN B 2 2.89 0.78 5.67
C GLN B 2 1.41 0.47 5.53
N ILE B 3 0.76 1.18 4.63
CA ILE B 3 -0.63 0.92 4.33
C ILE B 3 -0.68 -0.34 3.48
N LYS B 4 -0.06 -1.41 4.00
CA LYS B 4 -0.02 -2.69 3.32
C LYS B 4 -1.38 -3.33 3.44
N ILE B 5 -2.36 -2.51 3.19
CA ILE B 5 -3.74 -2.88 3.24
C ILE B 5 -4.37 -2.63 1.86
C1 NAL B 6 -5.91 1.01 2.08
C2 NAL B 6 -6.12 -0.14 1.35
C3 NAL B 6 -6.84 -1.18 1.91
C4 NAL B 6 -7.35 -1.11 3.19
C4A NAL B 6 -7.14 0.05 3.94
C5 NAL B 6 -7.65 0.16 5.23
C6 NAL B 6 -7.41 1.31 5.97
C7 NAL B 6 -6.68 2.36 5.42
C8 NAL B 6 -6.17 2.27 4.15
C8A NAL B 6 -6.39 1.12 3.39
C9 NAL B 6 -5.56 -0.28 -0.05
CA NAL B 6 -4.38 -1.25 -0.16
C NAL B 6 -3.29 -0.61 -1.04
N NAL B 6 -3.87 -1.60 1.17
O NAL B 6 -2.74 -1.27 -1.92
H1 NAL B 6 -5.34 1.82 1.64
H3 NAL B 6 -6.97 -2.09 1.34
H4 NAL B 6 -7.91 -1.93 3.59
H5 NAL B 6 -8.21 -0.65 5.68
H6 NAL B 6 -7.80 1.41 6.97
H7 NAL B 6 -6.50 3.24 6.01
H8 NAL B 6 -5.61 3.10 3.73
H91 NAL B 6 -6.36 -0.63 -0.69
H92 NAL B 6 -5.24 0.70 -0.37
HA NAL B 6 -4.72 -2.16 -0.63
H NAL B 6 -3.15 -1.07 1.55
N PHE B 7 -3.02 0.67 -0.83
CA PHE B 7 -2.03 1.41 -1.62
C PHE B 7 -0.64 0.85 -1.39
N GLN B 8 -0.23 0.78 -0.15
CA GLN B 8 1.05 0.21 0.19
C GLN B 8 0.91 -1.30 0.28
N ASN B 9 -0.16 -1.79 -0.37
CA ASN B 9 -0.49 -3.21 -0.38
C ASN B 9 -0.73 -3.74 -1.80
N ARG B 10 -1.02 -2.85 -2.75
CA ARG B 10 -1.32 -3.31 -4.11
C ARG B 10 -2.47 -4.31 -4.05
N ARG B 11 -3.18 -4.27 -2.94
CA ARG B 11 -4.25 -5.22 -2.66
C ARG B 11 -3.64 -6.36 -1.84
N NLE B 12 -2.31 -6.54 -1.98
CA NLE B 12 -1.58 -7.56 -1.23
C NLE B 12 -0.13 -7.13 -0.89
O NLE B 12 0.33 -7.31 0.22
CB NLE B 12 -1.59 -8.90 -1.98
CG NLE B 12 -0.73 -8.94 -3.23
CD NLE B 12 -1.55 -9.21 -4.48
CE NLE B 12 -2.32 -7.99 -4.91
H NLE B 12 -1.81 -5.95 -2.57
HA NLE B 12 -2.11 -7.68 -0.30
HB2 NLE B 12 -2.60 -9.13 -2.26
HB3 NLE B 12 -1.24 -9.68 -1.31
HG2 NLE B 12 0.01 -9.72 -3.12
HG3 NLE B 12 -0.23 -7.99 -3.34
HD2 NLE B 12 -2.25 -10.00 -4.27
HD3 NLE B 12 -0.89 -9.49 -5.28
HE1 NLE B 12 -3.37 -8.24 -5.01
HE2 NLE B 12 -1.94 -7.65 -5.87
HE3 NLE B 12 -2.21 -7.19 -4.18
N LYS B 13 0.58 -6.52 -1.86
CA LYS B 13 1.96 -6.04 -1.63
C LYS B 13 1.97 -4.51 -1.51
C1 NAL B 14 5.10 -1.57 -3.50
C2 NAL B 14 3.94 -0.99 -3.01
C3 NAL B 14 3.61 0.30 -3.38
C4 NAL B 14 4.40 1.02 -4.24
C4A NAL B 14 5.57 0.46 -4.75
C5 NAL B 14 6.38 1.17 -5.64
C6 NAL B 14 7.55 0.60 -6.11
C7 NAL B 14 7.91 -0.68 -5.73
C8 NAL B 14 7.13 -1.41 -4.86
C8A NAL B 14 5.93 -0.85 -4.36
C9 NAL B 14 3.06 -1.74 -2.04
CA NAL B 14 1.82 -2.34 -2.65
C NAL B 14 1.59 -1.78 -4.05
N NAL B 14 1.86 -3.81 -2.65
O NAL B 14 2.37 -2.00 -4.97
H1 NAL B 14 5.36 -2.57 -3.21
H3 NAL B 14 2.71 0.74 -2.97
H4 NAL B 14 4.10 2.03 -4.52
H5 NAL B 14 6.13 2.18 -5.94
H6 NAL B 14 8.19 1.15 -6.80
H7 NAL B 14 8.82 -1.11 -6.10
H8 NAL B 14 7.41 -2.41 -4.58
H91 NAL B 14 3.65 -2.51 -1.57
H92 NAL B 14 2.74 -1.03 -1.30
HA NAL B 14 0.98 -2.06 -2.05
H NAL B 14 1.78 -4.29 -3.50
N LYS B 15 0.47 -1.05 -4.18
CA LYS B 15 0.11 -0.43 -5.43
C LYS B 15 -1.14 0.44 -5.27
N LYS B 16 -2.31 -0.18 -5.33
CA LYS B 16 -3.57 0.53 -5.18
C LYS B 16 -4.31 0.09 -3.92
N NH2 B 17 -4.79 1.07 -3.16
HN1 NH2 B 17 -5.27 0.82 -2.34
HN2 NH2 B 17 -4.64 2.00 -3.43
N ABU C . 7.81 2.12 8.79
CD ABU C . 7.42 3.54 8.56
CB ABU C . 6.48 3.73 7.38
CG ABU C . 6.97 4.88 6.51
C ABU C . 5.87 5.47 5.64
OXT ABU C . 5.58 6.67 5.75
H ABU C . 8.26 2.03 9.72
H3 ABU C . 6.97 1.51 8.76
H2 ABU C . 8.47 1.82 8.05
HA1 ABU C . 8.28 4.14 8.32
HA2 ABU C . 6.96 3.96 9.44
HB1 ABU C . 5.49 3.95 7.74
HB2 ABU C . 6.45 2.82 6.80
HG1 ABU C . 7.76 4.51 5.86
HG2 ABU C . 7.36 5.65 7.15
C ACA D . 4.78 0.24 0.66
OXT ACA D . 4.60 -0.75 -0.04
C2 ACA D . 5.52 1.45 0.10
C3 ACA D . 5.50 1.47 -1.42
C4 ACA D . 6.68 2.26 -1.98
C5 ACA D . 6.25 3.62 -2.50
C6 ACA D . 5.88 4.57 -1.38
N ACA D . 4.71 5.40 -1.66
H21 ACA D . 5.04 2.35 0.46
H22 ACA D . 6.54 1.42 0.43
H31 ACA D . 5.54 0.45 -1.79
H32 ACA D . 4.57 1.92 -1.76
H41 ACA D . 7.40 2.39 -1.20
H42 ACA D . 7.12 1.69 -2.79
H51 ACA D . 7.06 4.04 -3.07
H52 ACA D . 5.39 3.50 -3.15
H61 ACA D . 5.68 3.91 -0.60
H62 ACA D . 6.72 5.25 -1.12
H ACA D . 3.81 5.02 -1.53
N PRO A 1 5.76 4.60 5.08
CA PRO A 1 5.38 5.15 3.79
C PRO A 1 3.96 4.75 3.34
N PRO A 2 2.94 4.96 4.20
CA PRO A 2 1.54 4.63 3.89
C PRO A 2 0.96 5.46 2.75
N ILE A 3 0.23 4.78 1.86
CA ILE A 3 -0.40 5.42 0.70
C ILE A 3 0.51 6.46 0.05
N LEU A 4 0.48 7.68 0.56
CA LEU A 4 1.29 8.78 0.03
C LEU A 4 1.63 8.57 -1.46
N LEU A 5 2.80 8.02 -1.73
CA LEU A 5 3.24 7.75 -3.10
C LEU A 5 4.66 7.20 -3.11
N ARG B 1 4.60 0.18 1.92
CA ARG B 1 4.28 -1.02 2.68
C ARG B 1 3.45 -0.74 3.93
N GLN B 2 3.64 0.41 4.56
CA GLN B 2 2.87 0.75 5.77
C GLN B 2 1.39 0.42 5.54
N ILE B 3 0.78 1.14 4.60
CA ILE B 3 -0.61 0.87 4.26
C ILE B 3 -0.65 -0.40 3.42
N LYS B 4 -0.08 -1.48 3.98
CA LYS B 4 -0.06 -2.76 3.30
C LYS B 4 -1.44 -3.38 3.40
N ILE B 5 -2.41 -2.52 3.16
CA ILE B 5 -3.80 -2.88 3.20
C ILE B 5 -4.40 -2.62 1.82
C1 NAL B 6 -5.87 1.04 1.98
C2 NAL B 6 -6.13 -0.12 1.27
C3 NAL B 6 -6.86 -1.14 1.85
C4 NAL B 6 -7.38 -1.02 3.13
C4A NAL B 6 -7.14 0.14 3.87
C5 NAL B 6 -7.65 0.30 5.15
C6 NAL B 6 -7.38 1.45 5.87
C7 NAL B 6 -6.62 2.46 5.30
C8 NAL B 6 -6.11 2.34 4.03
C8A NAL B 6 -6.37 1.18 3.30
C9 NAL B 6 -5.56 -0.29 -0.11
CA NAL B 6 -4.36 -1.22 -0.21
C NAL B 6 -3.26 -0.56 -1.05
N NAL B 6 -3.88 -1.59 1.13
O NAL B 6 -2.64 -1.20 -1.89
H1 NAL B 6 -5.29 1.82 1.53
H3 NAL B 6 -7.03 -2.04 1.29
H4 NAL B 6 -7.96 -1.83 3.55
H5 NAL B 6 -8.23 -0.49 5.61
H6 NAL B 6 -7.78 1.57 6.86
H7 NAL B 6 -6.42 3.36 5.88
H8 NAL B 6 -5.54 3.15 3.61
H91 NAL B 6 -6.35 -0.69 -0.74
H92 NAL B 6 -5.29 0.68 -0.48
HA NAL B 6 -4.66 -2.13 -0.69
H NAL B 6 -3.16 -1.07 1.54
N PHE B 7 -3.02 0.74 -0.82
CA PHE B 7 -2.01 1.48 -1.58
C PHE B 7 -0.63 0.89 -1.37
N GLN B 8 -0.21 0.81 -0.13
CA GLN B 8 1.07 0.24 0.20
C GLN B 8 0.90 -1.28 0.29
N ASN B 9 -0.18 -1.77 -0.34
CA ASN B 9 -0.51 -3.19 -0.35
C ASN B 9 -0.74 -3.72 -1.77
N ARG B 10 -1.04 -2.85 -2.72
CA ARG B 10 -1.33 -3.31 -4.08
C ARG B 10 -2.45 -4.34 -4.03
N ARG B 11 -3.19 -4.32 -2.92
CA ARG B 11 -4.24 -5.28 -2.65
C ARG B 11 -3.62 -6.39 -1.78
N NLE B 12 -2.29 -6.53 -1.87
CA NLE B 12 -1.54 -7.51 -1.09
C NLE B 12 -0.09 -7.06 -0.84
O NLE B 12 0.40 -7.15 0.29
CB NLE B 12 -1.57 -8.91 -1.76
CG NLE B 12 -1.92 -8.89 -3.24
CD NLE B 12 -0.77 -9.42 -4.09
CE NLE B 12 0.50 -8.65 -3.87
H NLE B 12 -1.79 -5.94 -2.48
HA NLE B 12 -2.04 -7.58 -0.14
HB2 NLE B 12 -2.31 -9.51 -1.24
HB3 NLE B 12 -0.60 -9.36 -1.64
HG2 NLE B 12 -2.14 -7.87 -3.55
HG3 NLE B 12 -2.79 -9.51 -3.40
HD2 NLE B 12 -1.04 -9.35 -5.13
HD3 NLE B 12 -0.60 -10.45 -3.82
HE1 NLE B 12 0.40 -7.66 -4.29
HE2 NLE B 12 1.32 -9.16 -4.37
HE3 NLE B 12 0.71 -8.58 -2.82
N LYS B 13 0.59 -6.54 -1.87
CA LYS B 13 1.98 -6.05 -1.74
C LYS B 13 1.97 -4.53 -1.58
C1 NAL B 14 5.12 -1.61 -3.45
C2 NAL B 14 3.95 -1.01 -2.98
C3 NAL B 14 3.63 0.27 -3.37
C4 NAL B 14 4.45 0.99 -4.22
C4A NAL B 14 5.62 0.41 -4.70
C5 NAL B 14 6.46 1.11 -5.57
C6 NAL B 14 7.64 0.52 -6.00
C7 NAL B 14 7.97 -0.76 -5.61
C8 NAL B 14 7.16 -1.47 -4.76
C8A NAL B 14 5.97 -0.90 -4.29
C9 NAL B 14 3.05 -1.74 -2.03
CA NAL B 14 1.80 -2.34 -2.68
C NAL B 14 1.57 -1.75 -4.07
N NAL B 14 1.85 -3.80 -2.70
O NAL B 14 2.37 -1.94 -4.98
H1 NAL B 14 5.36 -2.61 -3.13
H3 NAL B 14 2.72 0.71 -3.00
H4 NAL B 14 4.16 1.99 -4.52
H5 NAL B 14 6.22 2.11 -5.89
H6 NAL B 14 8.29 1.06 -6.69
H7 NAL B 14 8.90 -1.20 -5.96
H8 NAL B 14 7.43 -2.47 -4.46
H91 NAL B 14 3.61 -2.52 -1.55
H92 NAL B 14 2.71 -1.03 -1.29
HA NAL B 14 0.96 -2.06 -2.07
H NAL B 14 1.78 -4.26 -3.55
N LYS B 15 0.45 -1.04 -4.21
CA LYS B 15 0.07 -0.44 -5.47
C LYS B 15 -1.15 0.47 -5.29
N LYS B 16 -2.33 -0.14 -5.26
CA LYS B 16 -3.58 0.62 -5.09
C LYS B 16 -4.28 0.20 -3.80
N NH2 B 17 -4.62 -1.08 -3.70
HN1 NH2 B 17 -5.08 -1.37 -2.88
HN2 NH2 B 17 -4.40 -1.67 -4.44
N ABU C . 6.37 2.17 9.93
CD ABU C . 6.89 3.48 9.43
CB ABU C . 5.95 4.18 8.49
CG ABU C . 6.74 4.77 7.31
C ABU C . 5.83 5.32 6.22
OXT ABU C . 5.57 6.52 6.22
H ABU C . 6.53 2.09 10.95
H3 ABU C . 5.36 2.10 9.73
H2 ABU C . 6.86 1.40 9.45
HA1 ABU C . 7.80 3.33 8.87
HA2 ABU C . 7.12 4.13 10.26
HB1 ABU C . 5.45 4.99 9.02
HB2 ABU C . 5.22 3.49 8.12
HG1 ABU C . 7.37 4.00 6.90
HG2 ABU C . 7.35 5.57 7.68
C ACA D . 4.94 0.10 0.64
OXT ACA D . 4.99 -0.96 0.02
C2 ACA D . 5.87 1.24 0.27
C3 ACA D . 5.28 2.18 -0.77
C4 ACA D . 6.01 3.51 -0.79
C5 ACA D . 6.22 4.02 -2.21
C6 ACA D . 6.22 5.53 -2.27
N ACA D . 4.89 6.14 -2.33
H21 ACA D . 6.09 1.82 1.16
H22 ACA D . 6.79 0.83 -0.12
H31 ACA D . 5.36 1.72 -1.74
H32 ACA D . 4.24 2.35 -0.54
H41 ACA D . 5.43 4.24 -0.25
H42 ACA D . 6.97 3.39 -0.32
H51 ACA D . 7.17 3.66 -2.58
H52 ACA D . 5.43 3.64 -2.84
H61 ACA D . 6.70 5.78 -1.37
H62 ACA D . 6.79 5.91 -3.14
H ACA D . 4.16 5.77 -1.80
N PRO A 1 5.50 4.96 4.51
CA PRO A 1 4.92 5.58 3.32
C PRO A 1 3.47 5.14 3.04
N PRO A 2 2.57 5.27 4.03
CA PRO A 2 1.15 4.87 3.87
C PRO A 2 0.42 5.68 2.81
N ILE A 3 -0.09 4.97 1.80
CA ILE A 3 -0.85 5.57 0.68
C ILE A 3 -0.08 6.67 -0.04
N LEU A 4 0.47 7.61 0.71
CA LEU A 4 1.23 8.73 0.16
C LEU A 4 2.00 8.33 -1.10
N LEU A 5 3.02 7.48 -0.92
CA LEU A 5 3.84 7.00 -2.03
C LEU A 5 5.10 6.31 -1.50
N ARG B 1 4.79 0.13 2.17
CA ARG B 1 4.33 -1.06 2.86
C ARG B 1 3.67 -0.75 4.20
N GLN B 2 3.44 0.53 4.49
CA GLN B 2 2.78 0.91 5.73
C GLN B 2 1.31 0.60 5.58
N ILE B 3 0.68 1.29 4.64
CA ILE B 3 -0.71 1.02 4.33
C ILE B 3 -0.74 -0.25 3.49
N LYS B 4 -0.07 -1.29 4.02
CA LYS B 4 0.01 -2.58 3.35
C LYS B 4 -1.34 -3.26 3.45
N ILE B 5 -2.35 -2.44 3.25
CA ILE B 5 -3.72 -2.87 3.29
C ILE B 5 -4.31 -2.66 1.90
C1 NAL B 6 -6.01 0.92 2.06
C2 NAL B 6 -6.14 -0.23 1.32
C3 NAL B 6 -6.82 -1.31 1.86
C4 NAL B 6 -7.37 -1.26 3.12
C4A NAL B 6 -7.24 -0.09 3.88
C5 NAL B 6 -7.80 -0.01 5.16
C6 NAL B 6 -7.64 1.16 5.90
C7 NAL B 6 -6.94 2.23 5.38
C8 NAL B 6 -6.39 2.17 4.11
C8A NAL B 6 -6.53 1.01 3.34
C9 NAL B 6 -5.53 -0.34 -0.06
CA NAL B 6 -4.32 -1.26 -0.12
C NAL B 6 -3.22 -0.61 -0.97
N NAL B 6 -3.85 -1.60 1.21
O NAL B 6 -2.58 -1.28 -1.79
H1 NAL B 6 -5.46 1.76 1.64
H3 NAL B 6 -6.90 -2.22 1.28
H4 NAL B 6 -7.90 -2.11 3.51
H5 NAL B 6 -8.33 -0.84 5.59
H6 NAL B 6 -8.06 1.23 6.88
H7 NAL B 6 -6.83 3.12 5.97
H8 NAL B 6 -5.86 3.02 3.72
H91 NAL B 6 -6.29 -0.72 -0.73
H92 NAL B 6 -5.24 0.64 -0.38
HA NAL B 6 -4.61 -2.19 -0.61
H NAL B 6 -3.16 -1.03 1.63
N PHE B 7 -3.02 0.70 -0.80
CA PHE B 7 -2.01 1.44 -1.57
C PHE B 7 -0.63 0.85 -1.36
N GLN B 8 -0.19 0.80 -0.11
CA GLN B 8 1.09 0.19 0.20
C GLN B 8 0.90 -1.31 0.29
N ASN B 9 -0.19 -1.79 -0.35
CA ASN B 9 -0.53 -3.20 -0.35
C ASN B 9 -0.77 -3.75 -1.76
N ARG B 10 -1.01 -2.89 -2.74
CA ARG B 10 -1.31 -3.35 -4.10
C ARG B 10 -2.44 -4.37 -4.02
N ARG B 11 -3.22 -4.29 -2.95
CA ARG B 11 -4.27 -5.25 -2.69
C ARG B 11 -3.65 -6.42 -1.93
N NLE B 12 -2.32 -6.59 -2.10
CA NLE B 12 -1.57 -7.64 -1.43
C NLE B 12 -0.16 -7.17 -1.03
O NLE B 12 0.23 -7.28 0.13
CB NLE B 12 -1.50 -8.91 -2.29
CG NLE B 12 -1.48 -8.64 -3.79
CD NLE B 12 -0.25 -9.22 -4.46
CE NLE B 12 1.03 -8.64 -3.89
H NLE B 12 -1.83 -5.98 -2.68
HA NLE B 12 -2.11 -7.87 -0.52
HB2 NLE B 12 -2.34 -9.53 -2.07
HB3 NLE B 12 -0.59 -9.45 -2.04
HG2 NLE B 12 -1.50 -7.57 -3.95
HG3 NLE B 12 -2.36 -9.08 -4.23
HD2 NLE B 12 -0.28 -9.02 -5.51
HD3 NLE B 12 -0.23 -10.29 -4.29
HE1 NLE B 12 1.13 -7.62 -4.23
HE2 NLE B 12 1.87 -9.22 -4.24
HE3 NLE B 12 0.99 -8.67 -2.82
N LYS B 13 0.61 -6.60 -1.98
CA LYS B 13 1.95 -6.09 -1.69
C LYS B 13 1.93 -4.56 -1.54
C1 NAL B 14 5.10 -1.48 -3.33
C2 NAL B 14 3.90 -0.96 -2.87
C3 NAL B 14 3.53 0.31 -3.22
C4 NAL B 14 4.33 1.11 -4.03
C4A NAL B 14 5.54 0.60 -4.51
C5 NAL B 14 6.36 1.37 -5.34
C6 NAL B 14 7.56 0.85 -5.78
C7 NAL B 14 7.96 -0.43 -5.42
C8 NAL B 14 7.16 -1.21 -4.60
C8A NAL B 14 5.94 -0.70 -4.14
C9 NAL B 14 3.02 -1.77 -1.96
CA NAL B 14 1.80 -2.38 -2.63
C NAL B 14 1.59 -1.77 -4.01
N NAL B 14 1.85 -3.84 -2.66
O NAL B 14 2.40 -1.98 -4.92
H1 NAL B 14 5.38 -2.48 -3.05
H3 NAL B 14 2.60 0.72 -2.84
H4 NAL B 14 4.01 2.10 -4.29
H5 NAL B 14 6.08 2.37 -5.62
H6 NAL B 14 8.19 1.44 -6.42
H7 NAL B 14 8.90 -0.82 -5.77
H8 NAL B 14 7.47 -2.21 -4.34
H91 NAL B 14 3.62 -2.56 -1.52
H92 NAL B 14 2.68 -1.11 -1.19
HA NAL B 14 0.94 -2.12 -2.04
H NAL B 14 1.83 -4.30 -3.52
N LYS B 15 0.49 -1.05 -4.15
CA LYS B 15 0.16 -0.42 -5.41
C LYS B 15 -1.10 0.44 -5.29
N LYS B 16 -2.27 -0.19 -5.37
CA LYS B 16 -3.54 0.51 -5.27
C LYS B 16 -4.16 0.32 -3.89
N NH2 B 17 -4.48 1.42 -3.23
HN1 NH2 B 17 -4.89 1.33 -2.34
HN2 NH2 B 17 -4.30 2.29 -3.65
N ABU C . 7.76 2.23 8.71
CD ABU C . 7.31 3.64 8.53
CB ABU C . 6.37 3.82 7.36
CG ABU C . 6.82 5.01 6.51
C ABU C . 5.70 5.60 5.67
OXT ABU C . 5.38 6.79 5.82
H ABU C . 8.43 1.96 7.97
H3 ABU C . 8.22 2.12 9.65
H2 ABU C . 6.95 1.58 8.67
HA1 ABU C . 8.15 4.28 8.30
HA2 ABU C . 6.84 4.01 9.42
HB1 ABU C . 5.37 3.99 7.72
HB2 ABU C . 6.38 2.92 6.75
HG1 ABU C . 7.61 4.68 5.85
HG2 ABU C . 7.21 5.77 7.16
C ACA D . 4.76 0.20 0.85
OXT ACA D . 4.37 -0.72 0.13
C2 ACA D . 5.45 1.41 0.25
C3 ACA D . 5.63 1.29 -1.25
C4 ACA D . 6.98 1.84 -1.69
C5 ACA D . 6.86 3.25 -2.25
C6 ACA D . 6.32 4.23 -1.23
N ACA D . 5.16 4.99 -1.68
H21 ACA D . 4.86 2.29 0.46
H22 ACA D . 6.42 1.51 0.71
H31 ACA D . 5.56 0.24 -1.53
H32 ACA D . 4.84 1.84 -1.74
H41 ACA D . 7.64 1.85 -0.85
H42 ACA D . 7.39 1.19 -2.45
H51 ACA D . 7.83 3.58 -2.58
H52 ACA D . 6.19 3.23 -3.10
H61 ACA D . 6.05 3.60 -0.44
H62 ACA D . 7.10 4.96 -0.91
H ACA D . 4.42 4.54 -2.12
N PRO A 1 5.48 4.90 4.70
CA PRO A 1 4.96 5.50 3.47
C PRO A 1 3.52 5.07 3.14
N PRO A 2 2.59 5.24 4.09
CA PRO A 2 1.17 4.86 3.91
C PRO A 2 0.47 5.67 2.81
N ILE A 3 -0.06 4.95 1.82
CA ILE A 3 -0.79 5.54 0.70
C ILE A 3 -0.04 6.69 0.02
N LEU A 4 0.27 7.74 0.77
CA LEU A 4 0.99 8.92 0.26
C LEU A 4 1.51 8.71 -1.16
N LEU A 5 2.66 8.06 -1.29
CA LEU A 5 3.26 7.78 -2.59
C LEU A 5 4.67 7.23 -2.43
N ARG B 1 4.70 0.31 2.03
CA ARG B 1 4.36 -0.92 2.71
C ARG B 1 3.71 -0.68 4.08
N GLN B 2 3.46 0.58 4.41
CA GLN B 2 2.79 0.91 5.68
C GLN B 2 1.33 0.57 5.54
N ILE B 3 0.67 1.27 4.62
CA ILE B 3 -0.72 0.99 4.33
C ILE B 3 -0.75 -0.29 3.50
N LYS B 4 -0.09 -1.34 4.03
CA LYS B 4 -0.03 -2.63 3.37
C LYS B 4 -1.38 -3.29 3.47
N ILE B 5 -2.37 -2.48 3.20
CA ILE B 5 -3.75 -2.88 3.23
C ILE B 5 -4.36 -2.63 1.85
C1 NAL B 6 -5.92 1.01 2.01
C2 NAL B 6 -6.13 -0.15 1.29
C3 NAL B 6 -6.84 -1.19 1.87
C4 NAL B 6 -7.35 -1.09 3.15
C4A NAL B 6 -7.16 0.08 3.87
C5 NAL B 6 -7.68 0.22 5.17
C6 NAL B 6 -7.45 1.38 5.88
C7 NAL B 6 -6.72 2.42 5.32
C8 NAL B 6 -6.20 2.30 4.05
C8A NAL B 6 -6.42 1.14 3.31
C9 NAL B 6 -5.55 -0.30 -0.09
CA NAL B 6 -4.35 -1.24 -0.17
C NAL B 6 -3.25 -0.59 -1.04
N NAL B 6 -3.87 -1.59 1.16
O NAL B 6 -2.68 -1.22 -1.91
H1 NAL B 6 -5.35 1.82 1.56
H3 NAL B 6 -6.98 -2.10 1.31
H4 NAL B 6 -7.92 -1.92 3.56
H5 NAL B 6 -8.24 -0.58 5.63
H6 NAL B 6 -7.85 1.49 6.88
H7 NAL B 6 -6.55 3.32 5.90
H8 NAL B 6 -5.65 3.14 3.63
H91 NAL B 6 -6.33 -0.68 -0.73
H92 NAL B 6 -5.27 0.68 -0.44
HA NAL B 6 -4.66 -2.15 -0.66
H NAL B 6 -3.16 -1.05 1.55
N PHE B 7 -3.00 0.71 -0.80
CA PHE B 7 -1.99 1.44 -1.56
C PHE B 7 -0.60 0.87 -1.34
N GLN B 8 -0.21 0.75 -0.09
CA GLN B 8 1.08 0.17 0.25
C GLN B 8 0.93 -1.35 0.28
N ASN B 9 -0.16 -1.83 -0.33
CA ASN B 9 -0.46 -3.25 -0.38
C ASN B 9 -0.73 -3.75 -1.80
N ARG B 10 -1.05 -2.86 -2.72
CA ARG B 10 -1.37 -3.29 -4.09
C ARG B 10 -2.50 -4.30 -4.04
N ARG B 11 -3.21 -4.30 -2.91
CA ARG B 11 -4.27 -5.26 -2.65
C ARG B 11 -3.64 -6.41 -1.84
N NLE B 12 -2.31 -6.53 -1.96
CA NLE B 12 -1.55 -7.55 -1.24
C NLE B 12 -0.10 -7.11 -0.95
O NLE B 12 0.37 -7.21 0.19
CB NLE B 12 -1.58 -8.90 -1.97
CG NLE B 12 -1.86 -8.79 -3.47
CD NLE B 12 -0.71 -9.34 -4.30
CE NLE B 12 0.61 -8.68 -3.98
H NLE B 12 -1.82 -5.92 -2.53
HA NLE B 12 -2.05 -7.68 -0.28
HB2 NLE B 12 -2.36 -9.52 -1.54
HB3 NLE B 12 -0.63 -9.39 -1.84
HG2 NLE B 12 -2.01 -7.76 -3.73
HG3 NLE B 12 -2.75 -9.35 -3.70
HD2 NLE B 12 -0.93 -9.19 -5.34
HD3 NLE B 12 -0.61 -10.40 -4.09
HE1 NLE B 12 0.60 -7.66 -4.37
HE2 NLE B 12 1.41 -9.23 -4.42
HE3 NLE B 12 0.74 -8.63 -2.90
N LYS B 13 0.61 -6.58 -1.97
CA LYS B 13 1.99 -6.10 -1.79
C LYS B 13 2.00 -4.57 -1.61
C1 NAL B 14 5.17 -1.70 -3.41
C2 NAL B 14 4.00 -1.09 -2.98
C3 NAL B 14 3.70 0.19 -3.41
C4 NAL B 14 4.55 0.88 -4.26
C4A NAL B 14 5.73 0.27 -4.70
C5 NAL B 14 6.60 0.94 -5.56
C6 NAL B 14 7.77 0.34 -5.96
C7 NAL B 14 8.08 -0.93 -5.52
C8 NAL B 14 7.24 -1.63 -4.67
C8A NAL B 14 6.05 -1.02 -4.25
C9 NAL B 14 3.07 -1.79 -2.03
CA NAL B 14 1.82 -2.38 -2.68
C NAL B 14 1.59 -1.78 -4.06
N NAL B 14 1.86 -3.84 -2.72
O NAL B 14 2.38 -1.96 -4.98
H1 NAL B 14 5.40 -2.70 -3.06
H3 NAL B 14 2.78 0.65 -3.07
H4 NAL B 14 4.28 1.88 -4.59
H5 NAL B 14 6.36 1.94 -5.91
H6 NAL B 14 8.44 0.85 -6.64
H7 NAL B 14 9.01 -1.39 -5.83
H8 NAL B 14 7.51 -2.62 -4.35
H91 NAL B 14 3.61 -2.58 -1.54
H92 NAL B 14 2.74 -1.07 -1.31
HA NAL B 14 0.98 -2.11 -2.07
H NAL B 14 1.77 -4.29 -3.58
N LYS B 15 0.48 -1.04 -4.19
CA LYS B 15 0.11 -0.41 -5.44
C LYS B 15 -1.12 0.48 -5.24
N LYS B 16 -2.31 -0.09 -5.44
CA LYS B 16 -3.55 0.66 -5.29
C LYS B 16 -4.19 0.38 -3.93
N NH2 B 17 -4.48 1.44 -3.19
HN1 NH2 B 17 -4.90 1.30 -2.31
HN2 NH2 B 17 -4.27 2.33 -3.55
N ABU C . 7.07 2.16 9.15
CD ABU C . 7.04 3.61 8.86
CB ABU C . 6.02 4.00 7.80
CG ABU C . 6.65 4.97 6.80
C ABU C . 5.64 5.57 5.85
OXT ABU C . 5.35 6.77 5.95
H ABU C . 7.96 1.73 8.80
H3 ABU C . 7.00 1.99 10.17
H2 ABU C . 6.27 1.68 8.68
HA1 ABU C . 7.99 3.94 8.46
HA2 ABU C . 6.84 4.17 9.76
HB1 ABU C . 5.17 4.47 8.28
HB2 ABU C . 5.69 3.11 7.28
HG1 ABU C . 7.41 4.45 6.24
HG2 ABU C . 7.13 5.77 7.36
C ACA D . 4.69 0.39 0.71
OXT ACA D . 4.41 -0.57 -0.01
C2 ACA D . 5.53 1.52 0.18
C3 ACA D . 5.41 1.69 -1.33
C4 ACA D . 6.14 2.92 -1.84
C5 ACA D . 6.02 4.11 -0.90
C6 ACA D . 6.06 5.41 -1.63
N ACA D . 4.76 6.05 -1.83
H21 ACA D . 5.22 2.44 0.65
H22 ACA D . 6.56 1.34 0.43
H31 ACA D . 5.81 0.81 -1.81
H32 ACA D . 4.36 1.76 -1.59
H41 ACA D . 7.19 2.68 -1.96
H42 ACA D . 5.74 3.20 -2.80
H51 ACA D . 5.08 4.03 -0.36
H52 ACA D . 6.82 4.07 -0.18
H61 ACA D . 6.65 5.99 -0.98
H62 ACA D . 6.55 5.32 -2.62
H ACA D . 3.95 5.59 -1.52
N PRO A 1 5.73 4.78 4.49
CA PRO A 1 5.25 5.33 3.24
C PRO A 1 3.78 4.95 2.94
N PRO A 2 2.85 5.21 3.88
CA PRO A 2 1.42 4.89 3.72
C PRO A 2 0.73 5.67 2.60
N ILE A 3 0.03 4.92 1.74
CA ILE A 3 -0.73 5.50 0.62
C ILE A 3 0.19 6.10 -0.44
N LEU A 4 1.10 6.95 0.00
CA LEU A 4 2.03 7.60 -0.89
C LEU A 4 2.70 6.61 -1.82
N LEU A 5 3.57 7.11 -2.68
CA LEU A 5 4.29 6.26 -3.62
C LEU A 5 5.70 5.98 -3.13
N ARG B 1 4.88 -0.01 2.08
CA ARG B 1 4.34 -1.15 2.81
C ARG B 1 3.70 -0.77 4.14
N GLN B 2 3.46 0.53 4.36
CA GLN B 2 2.80 0.97 5.58
C GLN B 2 1.32 0.69 5.43
N ILE B 3 0.72 1.30 4.43
CA ILE B 3 -0.67 1.05 4.11
C ILE B 3 -0.72 -0.29 3.39
N LYS B 4 -0.11 -1.30 4.02
CA LYS B 4 -0.07 -2.64 3.47
C LYS B 4 -1.45 -3.25 3.60
N ILE B 5 -2.43 -2.43 3.30
CA ILE B 5 -3.80 -2.79 3.34
C ILE B 5 -4.39 -2.62 1.95
C1 NAL B 6 -6.16 0.93 2.04
C2 NAL B 6 -6.25 -0.24 1.32
C3 NAL B 6 -6.90 -1.34 1.86
C4 NAL B 6 -7.47 -1.29 3.12
C4A NAL B 6 -7.39 -0.11 3.86
C5 NAL B 6 -7.97 -0.03 5.13
C6 NAL B 6 -7.86 1.14 5.86
C7 NAL B 6 -7.19 2.24 5.34
C8 NAL B 6 -6.62 2.18 4.08
C8A NAL B 6 -6.71 1.00 3.33
C9 NAL B 6 -5.61 -0.34 -0.05
CA NAL B 6 -4.40 -1.27 -0.09
C NAL B 6 -3.30 -0.62 -0.95
N NAL B 6 -3.93 -1.56 1.25
O NAL B 6 -2.69 -1.29 -1.79
H1 NAL B 6 -5.64 1.78 1.62
H3 NAL B 6 -6.95 -2.25 1.28
H4 NAL B 6 -7.97 -2.16 3.51
H5 NAL B 6 -8.48 -0.87 5.56
H6 NAL B 6 -8.31 1.20 6.83
H7 NAL B 6 -7.11 3.14 5.92
H8 NAL B 6 -6.12 3.05 3.69
H91 NAL B 6 -6.36 -0.71 -0.73
H92 NAL B 6 -5.32 0.65 -0.35
HA NAL B 6 -4.69 -2.20 -0.55
H NAL B 6 -3.27 -0.98 1.68
N PHE B 7 -3.05 0.67 -0.74
CA PHE B 7 -2.03 1.40 -1.51
C PHE B 7 -0.65 0.82 -1.31
N GLN B 8 -0.22 0.72 -0.07
CA GLN B 8 1.07 0.12 0.22
C GLN B 8 0.93 -1.39 0.31
N ASN B 9 -0.14 -1.89 -0.36
CA ASN B 9 -0.46 -3.30 -0.39
C ASN B 9 -0.76 -3.78 -1.82
N ARG B 10 -1.02 -2.85 -2.74
CA ARG B 10 -1.38 -3.23 -4.11
C ARG B 10 -2.52 -4.23 -4.07
N ARG B 11 -3.22 -4.24 -2.94
CA ARG B 11 -4.25 -5.21 -2.67
C ARG B 11 -3.59 -6.30 -1.83
N NLE B 12 -2.31 -6.57 -2.15
CA NLE B 12 -1.50 -7.56 -1.43
C NLE B 12 -0.12 -6.97 -1.03
O NLE B 12 0.13 -6.74 0.15
CB NLE B 12 -1.30 -8.82 -2.27
CG NLE B 12 -1.44 -10.11 -1.48
CD NLE B 12 -2.90 -10.56 -1.41
CE NLE B 12 -3.86 -9.41 -1.17
H NLE B 12 -1.88 -6.07 -2.87
HA NLE B 12 -2.03 -7.81 -0.54
HB2 NLE B 12 -0.31 -8.80 -2.72
HB3 NLE B 12 -2.04 -8.83 -3.07
HG2 NLE B 12 -1.07 -9.95 -0.49
HG3 NLE B 12 -0.87 -10.88 -1.96
HD2 NLE B 12 -3.00 -11.26 -0.60
HD3 NLE B 12 -3.16 -11.04 -2.34
HE1 NLE B 12 -3.57 -8.88 -0.27
HE2 NLE B 12 -4.86 -9.80 -1.06
HE3 NLE B 12 -3.81 -8.74 -2.02
N LYS B 13 0.76 -6.73 -2.01
CA LYS B 13 2.09 -6.15 -1.74
C LYS B 13 2.02 -4.63 -1.57
C1 NAL B 14 5.14 -1.67 -3.34
C2 NAL B 14 3.97 -1.07 -2.89
C3 NAL B 14 3.67 0.22 -3.28
C4 NAL B 14 4.50 0.94 -4.11
C4A NAL B 14 5.69 0.36 -4.57
C5 NAL B 14 6.55 1.06 -5.42
C6 NAL B 14 7.72 0.46 -5.84
C7 NAL B 14 8.06 -0.81 -5.44
C8 NAL B 14 7.22 -1.53 -4.61
C8A NAL B 14 6.02 -0.96 -4.17
C9 NAL B 14 3.05 -1.81 -1.96
CA NAL B 14 1.83 -2.42 -2.63
C NAL B 14 1.59 -1.78 -4.00
N NAL B 14 1.93 -3.89 -2.69
O NAL B 14 2.37 -1.99 -4.94
H1 NAL B 14 5.38 -2.67 -3.02
H3 NAL B 14 2.75 0.66 -2.91
H4 NAL B 14 4.23 1.94 -4.40
H5 NAL B 14 6.32 2.07 -5.73
H6 NAL B 14 8.39 1.01 -6.49
H7 NAL B 14 8.98 -1.26 -5.78
H8 NAL B 14 7.48 -2.54 -4.32
H91 NAL B 14 3.61 -2.58 -1.46
H92 NAL B 14 2.70 -1.10 -1.24
HA NAL B 14 0.98 -2.19 -2.03
H NAL B 14 1.92 -4.33 -3.56
N LYS B 15 0.52 -1.00 -4.08
CA LYS B 15 0.16 -0.31 -5.31
C LYS B 15 -1.12 0.51 -5.09
N LYS B 16 -2.29 -0.12 -5.26
CA LYS B 16 -3.56 0.56 -5.08
C LYS B 16 -4.20 0.19 -3.75
N NH2 B 17 -4.50 -1.10 -3.58
HN1 NH2 B 17 -4.92 -1.37 -2.74
HN2 NH2 B 17 -4.29 -1.73 -4.31
N ABU C . 7.65 2.26 8.99
CD ABU C . 7.29 3.67 8.68
CB ABU C . 6.42 3.81 7.45
CG ABU C . 6.98 4.91 6.54
C ABU C . 5.93 5.50 5.61
OXT ABU C . 5.70 6.71 5.65
H ABU C . 8.66 2.11 8.82
H3 ABU C . 7.45 2.06 10.00
H2 ABU C . 7.10 1.60 8.40
HA1 ABU C . 8.17 4.25 8.46
HA2 ABU C . 6.78 4.13 9.52
HB1 ABU C . 5.42 4.07 7.74
HB2 ABU C . 6.41 2.87 6.91
HG1 ABU C . 7.78 4.49 5.95
HG2 ABU C . 7.38 5.70 7.16
C ACA D . 4.99 -0.07 0.76
OXT ACA D . 4.65 -1.04 0.09
C2 ACA D . 5.94 0.97 0.19
C3 ACA D . 5.77 1.14 -1.32
C4 ACA D . 6.88 2.01 -1.90
C5 ACA D . 7.18 3.24 -1.05
C6 ACA D . 7.16 4.50 -1.88
N ACA D . 5.85 4.88 -2.40
H21 ACA D . 5.76 1.91 0.67
H22 ACA D . 6.96 0.65 0.39
H31 ACA D . 5.80 0.17 -1.79
H32 ACA D . 4.82 1.60 -1.50
H41 ACA D . 7.78 1.43 -2.00
H42 ACA D . 6.57 2.34 -2.89
H51 ACA D . 6.42 3.33 -0.28
H52 ACA D . 8.14 3.13 -0.60
H61 ACA D . 7.50 5.21 -1.17
H62 ACA D . 7.87 4.45 -2.73
H ACA D . 5.07 4.32 -2.20
N PRO A 1 5.46 5.72 4.23
CA PRO A 1 4.70 6.43 3.22
C PRO A 1 3.32 5.81 2.93
N PRO A 2 2.48 5.61 3.97
CA PRO A 2 1.14 5.02 3.82
C PRO A 2 0.26 5.79 2.84
N ILE A 3 -0.23 5.09 1.82
CA ILE A 3 -1.10 5.69 0.80
C ILE A 3 -0.40 6.87 0.13
N LEU A 4 -0.37 8.00 0.85
CA LEU A 4 0.25 9.23 0.37
C LEU A 4 0.98 9.07 -0.95
N LEU A 5 2.08 8.31 -0.93
CA LEU A 5 2.87 8.05 -2.12
C LEU A 5 4.28 7.57 -1.76
N ARG B 1 4.74 0.55 2.16
CA ARG B 1 4.48 -0.70 2.86
C ARG B 1 3.75 -0.49 4.19
N GLN B 2 3.54 0.76 4.59
CA GLN B 2 2.83 1.06 5.83
C GLN B 2 1.37 0.65 5.67
N ILE B 3 0.67 1.41 4.83
CA ILE B 3 -0.72 1.12 4.52
C ILE B 3 -0.71 -0.12 3.62
N LYS B 4 0.01 -1.16 4.08
CA LYS B 4 0.12 -2.41 3.35
C LYS B 4 -1.18 -3.14 3.44
N ILE B 5 -2.23 -2.38 3.22
CA ILE B 5 -3.57 -2.87 3.25
C ILE B 5 -4.23 -2.65 1.89
C1 NAL B 6 -5.86 0.91 2.09
C2 NAL B 6 -6.07 -0.26 1.38
C3 NAL B 6 -6.75 -1.31 1.98
C4 NAL B 6 -7.23 -1.21 3.28
C4A NAL B 6 -7.03 -0.04 4.00
C5 NAL B 6 -7.51 0.09 5.31
C6 NAL B 6 -7.27 1.25 6.01
C7 NAL B 6 -6.57 2.31 5.43
C8 NAL B 6 -6.09 2.20 4.14
C8A NAL B 6 -6.32 1.03 3.40
C9 NAL B 6 -5.55 -0.41 -0.02
CA NAL B 6 -4.30 -1.28 -0.14
C NAL B 6 -3.26 -0.58 -1.01
N NAL B 6 -3.78 -1.61 1.18
O NAL B 6 -2.64 -1.20 -1.88
H1 NAL B 6 -5.32 1.71 1.62
H3 NAL B 6 -6.89 -2.21 1.43
H4 NAL B 6 -7.77 -2.05 3.70
H5 NAL B 6 -8.05 -0.72 5.77
H6 NAL B 6 -7.65 1.36 7.01
H7 NAL B 6 -6.39 3.20 6.00
H8 NAL B 6 -5.56 3.03 3.70
H91 NAL B 6 -6.33 -0.83 -0.63
H92 NAL B 6 -5.32 0.59 -0.39
HA NAL B 6 -4.57 -2.21 -0.62
H NAL B 6 -3.07 -1.05 1.56
N PHE B 7 -3.04 0.73 -0.78
CA PHE B 7 -2.06 1.49 -1.55
C PHE B 7 -0.67 0.93 -1.35
N GLN B 8 -0.33 0.65 -0.10
CA GLN B 8 0.95 0.08 0.23
C GLN B 8 0.82 -1.43 0.24
N ASN B 9 -0.29 -1.92 -0.33
CA ASN B 9 -0.58 -3.34 -0.40
C ASN B 9 -0.80 -3.81 -1.83
N ARG B 10 -1.03 -2.91 -2.77
CA ARG B 10 -1.29 -3.32 -4.15
C ARG B 10 -2.44 -4.33 -4.14
N ARG B 11 -3.19 -4.31 -3.05
CA ARG B 11 -4.26 -5.27 -2.82
C ARG B 11 -3.66 -6.44 -2.03
N NLE B 12 -2.34 -6.63 -2.18
CA NLE B 12 -1.61 -7.68 -1.47
C NLE B 12 -0.18 -7.24 -1.05
O NLE B 12 0.21 -7.42 0.10
CB NLE B 12 -1.58 -8.99 -2.27
CG NLE B 12 -0.72 -8.93 -3.52
CD NLE B 12 -1.55 -9.14 -4.78
CE NLE B 12 -2.27 -7.88 -5.20
H NLE B 12 -1.82 -6.03 -2.76
HA NLE B 12 -2.17 -7.84 -0.57
HB2 NLE B 12 -2.59 -9.24 -2.56
HB3 NLE B 12 -1.20 -9.78 -1.64
HG2 NLE B 12 0.03 -9.71 -3.47
HG3 NLE B 12 -0.24 -7.97 -3.58
HD2 NLE B 12 -2.28 -9.91 -4.60
HD3 NLE B 12 -0.90 -9.43 -5.59
HE1 NLE B 12 -2.24 -7.16 -4.38
HE2 NLE B 12 -3.30 -8.12 -5.43
HE3 NLE B 12 -1.79 -7.46 -6.07
N LYS B 13 0.58 -6.62 -1.97
CA LYS B 13 1.93 -6.13 -1.65
C LYS B 13 1.92 -4.61 -1.48
C1 NAL B 14 5.15 -1.88 -3.21
C2 NAL B 14 4.00 -1.21 -2.84
C3 NAL B 14 3.77 0.07 -3.32
C4 NAL B 14 4.66 0.68 -4.17
C4A NAL B 14 5.82 0.01 -4.57
C5 NAL B 14 6.73 0.61 -5.44
C6 NAL B 14 7.89 -0.06 -5.79
C7 NAL B 14 8.14 -1.33 -5.29
C8 NAL B 14 7.25 -1.94 -4.43
C8A NAL B 14 6.08 -1.27 -4.06
C9 NAL B 14 3.01 -1.82 -1.89
CA NAL B 14 1.79 -2.42 -2.55
C NAL B 14 1.57 -1.78 -3.91
N NAL B 14 1.84 -3.88 -2.60
O NAL B 14 2.35 -2.00 -4.85
H1 NAL B 14 5.32 -2.87 -2.83
H3 NAL B 14 2.87 0.58 -3.01
H4 NAL B 14 4.44 1.68 -4.55
H5 NAL B 14 6.56 1.60 -5.83
H6 NAL B 14 8.59 0.39 -6.47
H7 NAL B 14 9.05 -1.84 -5.57
H8 NAL B 14 7.46 -2.94 -4.06
H91 NAL B 14 3.52 -2.59 -1.32
H92 NAL B 14 2.68 -1.05 -1.22
HA NAL B 14 0.94 -2.16 -1.95
H NAL B 14 1.80 -4.34 -3.46
N LYS B 15 0.53 -0.97 -4.01
CA LYS B 15 0.18 -0.28 -5.23
C LYS B 15 -1.08 0.56 -5.04
N LYS B 16 -2.24 -0.06 -5.24
CA LYS B 16 -3.52 0.64 -5.07
C LYS B 16 -4.22 0.17 -3.80
N NH2 B 17 -4.53 -1.12 -3.73
HN1 NH2 B 17 -4.98 -1.45 -2.93
HN2 NH2 B 17 -4.27 -1.69 -4.48
N ABU C . 8.39 2.64 7.72
CD ABU C . 7.76 3.99 7.83
CB ABU C . 6.69 4.24 6.81
CG ABU C . 6.90 5.61 6.16
C ABU C . 5.64 6.15 5.49
OXT ABU C . 5.17 7.22 5.87
H ABU C . 7.65 1.92 7.57
H3 ABU C . 9.05 2.62 6.92
H2 ABU C . 8.91 2.42 8.58
HA1 ABU C . 8.51 4.77 7.65
HA2 ABU C . 7.36 4.14 8.82
HB1 ABU C . 5.72 4.24 7.29
HB2 ABU C . 6.73 3.47 6.05
HG1 ABU C . 7.68 5.53 5.41
HG2 ABU C . 7.22 6.32 6.91
C ACA D . 4.71 0.61 0.82
OXT ACA D . 4.45 -0.36 0.13
C2 ACA D . 5.36 1.84 0.23
C3 ACA D . 5.02 2.02 -1.23
C4 ACA D . 5.73 3.23 -1.84
C5 ACA D . 5.80 4.40 -0.88
C6 ACA D . 5.83 5.72 -1.59
N ACA D . 4.51 6.28 -1.92
H21 ACA D . 5.01 2.71 0.77
H22 ACA D . 6.42 1.76 0.34
H31 ACA D . 5.31 1.14 -1.78
H32 ACA D . 3.95 2.16 -1.33
H41 ACA D . 6.74 2.94 -2.11
H42 ACA D . 5.20 3.54 -2.74
H51 ACA D . 4.94 4.38 -0.23
H52 ACA D . 6.70 4.31 -0.28
H61 ACA D . 6.32 6.34 -0.90
H62 ACA D . 6.40 5.66 -2.55
H ACA D . 3.80 5.70 -2.26
N PRO A 1 5.45 4.92 4.87
CA PRO A 1 4.93 5.52 3.65
C PRO A 1 3.51 5.05 3.28
N PRO A 2 2.54 5.16 4.20
CA PRO A 2 1.14 4.74 3.98
C PRO A 2 0.37 5.58 2.97
N ILE A 3 -0.22 4.91 1.99
CA ILE A 3 -1.05 5.54 0.94
C ILE A 3 -0.59 6.96 0.57
N LEU A 4 0.71 7.19 0.61
CA LEU A 4 1.27 8.49 0.29
C LEU A 4 1.81 8.53 -1.13
N LEU A 5 1.79 7.39 -1.80
CA LEU A 5 2.29 7.27 -3.16
C LEU A 5 3.80 7.05 -3.15
N ARG B 1 4.65 0.41 1.85
CA ARG B 1 4.48 -0.83 2.60
C ARG B 1 3.72 -0.63 3.92
N GLN B 2 3.68 0.58 4.45
CA GLN B 2 2.96 0.84 5.68
C GLN B 2 1.50 0.46 5.51
N ILE B 3 0.79 1.19 4.66
CA ILE B 3 -0.59 0.88 4.37
C ILE B 3 -0.61 -0.35 3.48
N LYS B 4 -0.03 -1.42 4.00
CA LYS B 4 0.03 -2.69 3.29
C LYS B 4 -1.32 -3.35 3.39
N ILE B 5 -2.32 -2.52 3.19
CA ILE B 5 -3.69 -2.91 3.23
C ILE B 5 -4.33 -2.64 1.87
C1 NAL B 6 -5.76 1.00 2.04
C2 NAL B 6 -6.06 -0.17 1.36
C3 NAL B 6 -6.80 -1.15 1.98
C4 NAL B 6 -7.26 -1.01 3.27
C4A NAL B 6 -6.96 0.17 3.97
C5 NAL B 6 -7.42 0.35 5.28
C6 NAL B 6 -7.10 1.51 5.96
C7 NAL B 6 -6.33 2.49 5.36
C8 NAL B 6 -5.87 2.33 4.07
C8A NAL B 6 -6.19 1.16 3.36
C9 NAL B 6 -5.56 -0.37 -0.05
CA NAL B 6 -4.31 -1.26 -0.16
C NAL B 6 -3.24 -0.55 -1.00
N NAL B 6 -3.81 -1.61 1.17
O NAL B 6 -2.57 -1.18 -1.81
H1 NAL B 6 -5.16 1.75 1.56
H3 NAL B 6 -7.01 -2.07 1.44
H4 NAL B 6 -7.84 -1.79 3.73
H5 NAL B 6 -8.01 -0.41 5.77
H6 NAL B 6 -7.46 1.65 6.97
H7 NAL B 6 -6.09 3.38 5.91
H8 NAL B 6 -5.29 3.12 3.61
H91 NAL B 6 -6.35 -0.83 -0.62
H92 NAL B 6 -5.34 0.60 -0.47
HA NAL B 6 -4.58 -2.17 -0.66
H NAL B 6 -3.08 -1.10 1.56
N PHE B 7 -3.08 0.76 -0.81
CA PHE B 7 -2.09 1.55 -1.57
C PHE B 7 -0.70 0.97 -1.41
N GLN B 8 -0.29 0.80 -0.17
CA GLN B 8 1.00 0.22 0.12
C GLN B 8 0.85 -1.29 0.24
N ASN B 9 -0.21 -1.80 -0.41
CA ASN B 9 -0.54 -3.23 -0.42
C ASN B 9 -0.78 -3.75 -1.84
N ARG B 10 -1.02 -2.87 -2.79
CA ARG B 10 -1.33 -3.29 -4.17
C ARG B 10 -2.46 -4.32 -4.14
N ARG B 11 -3.18 -4.31 -3.03
CA ARG B 11 -4.24 -5.28 -2.78
C ARG B 11 -3.64 -6.40 -1.92
N NLE B 12 -2.31 -6.57 -2.00
CA NLE B 12 -1.60 -7.56 -1.20
C NLE B 12 -0.16 -7.11 -0.83
O NLE B 12 0.24 -7.26 0.33
CB NLE B 12 -1.57 -8.92 -1.91
CG NLE B 12 -0.68 -8.97 -3.15
CD NLE B 12 -1.49 -9.28 -4.40
CE NLE B 12 -2.29 -8.10 -4.89
H NLE B 12 -1.79 -5.97 -2.59
HA NLE B 12 -2.16 -7.66 -0.29
HB2 NLE B 12 -2.57 -9.17 -2.20
HB3 NLE B 12 -1.20 -9.66 -1.22
HG2 NLE B 12 0.07 -9.73 -3.02
HG3 NLE B 12 -0.21 -8.02 -3.28
HD2 NLE B 12 -2.17 -10.10 -4.18
HD3 NLE B 12 -0.81 -9.58 -5.19
HE1 NLE B 12 -1.95 -7.81 -5.87
HE2 NLE B 12 -2.16 -7.28 -4.21
HE3 NLE B 12 -3.34 -8.37 -4.93
N LYS B 13 0.59 -6.54 -1.79
CA LYS B 13 1.96 -6.05 -1.51
C LYS B 13 1.96 -4.52 -1.41
C1 NAL B 14 5.13 -1.84 -3.29
C2 NAL B 14 3.98 -1.15 -2.93
C3 NAL B 14 3.74 0.10 -3.44
C4 NAL B 14 4.61 0.71 -4.32
C4A NAL B 14 5.77 0.03 -4.71
C5 NAL B 14 6.68 0.61 -5.61
C6 NAL B 14 7.83 -0.06 -5.95
C7 NAL B 14 8.10 -1.31 -5.43
C8 NAL B 14 7.23 -1.91 -4.54
C8A NAL B 14 6.05 -1.24 -4.18
C9 NAL B 14 3.02 -1.76 -1.94
CA NAL B 14 1.78 -2.38 -2.58
C NAL B 14 1.56 -1.79 -3.96
N NAL B 14 1.84 -3.85 -2.56
O NAL B 14 2.31 -2.05 -4.90
H1 NAL B 14 5.33 -2.82 -2.88
H3 NAL B 14 2.83 0.61 -3.14
H4 NAL B 14 4.38 1.69 -4.72
H5 NAL B 14 6.49 1.60 -6.02
H6 NAL B 14 8.52 0.39 -6.65
H7 NAL B 14 9.01 -1.82 -5.70
H8 NAL B 14 7.45 -2.89 -4.15
H91 NAL B 14 3.53 -2.50 -1.35
H92 NAL B 14 2.67 -0.96 -1.31
HA NAL B 14 0.94 -2.09 -1.98
H NAL B 14 1.74 -4.34 -3.40
N LYS B 15 0.51 -0.98 -4.06
CA LYS B 15 0.15 -0.31 -5.29
C LYS B 15 -1.08 0.58 -5.09
N LYS B 16 -2.27 -0.02 -5.17
CA LYS B 16 -3.51 0.72 -4.99
C LYS B 16 -4.23 0.26 -3.73
N NH2 B 17 -4.43 -1.05 -3.61
HN1 NH2 B 17 -4.90 -1.37 -2.80
HN2 NH2 B 17 -4.10 -1.63 -4.32
N ABU C . 7.41 2.22 9.24
CD ABU C . 7.02 3.65 9.02
CB ABU C . 6.11 3.85 7.83
CG ABU C . 6.62 5.01 6.97
C ABU C . 5.56 5.58 6.05
OXT ABU C . 5.21 6.74 6.16
H ABU C . 8.39 2.06 8.92
H3 ABU C . 7.34 1.99 10.25
H2 ABU C . 6.78 1.59 8.70
HA1 ABU C . 7.90 4.24 8.79
HA2 ABU C . 6.56 4.05 9.90
HB1 ABU C . 5.12 4.07 8.18
HB2 ABU C . 6.09 2.95 7.24
HG1 ABU C . 7.45 4.66 6.38
HG2 ABU C . 6.97 5.80 7.63
C ACA D . 5.12 0.39 0.61
OXT ACA D . 5.43 -0.65 0.03
C2 ACA D . 5.64 1.72 0.11
C3 ACA D . 5.13 2.05 -1.28
C4 ACA D . 4.83 3.54 -1.43
C5 ACA D . 5.97 4.30 -2.09
C6 ACA D . 5.66 5.77 -2.24
N ACA D . 4.23 6.09 -2.35
H21 ACA D . 5.31 2.50 0.79
H22 ACA D . 6.71 1.71 0.09
H31 ACA D . 5.88 1.78 -2.01
H32 ACA D . 4.24 1.49 -1.48
H41 ACA D . 3.93 3.66 -2.03
H42 ACA D . 4.65 3.96 -0.44
H51 ACA D . 6.86 4.18 -1.49
H52 ACA D . 6.15 3.87 -3.07
H61 ACA D . 6.05 6.15 -1.34
H62 ACA D . 6.17 6.21 -3.13
H ACA D . 3.57 5.57 -1.83
N PRO A 1 5.41 5.22 4.43
CA PRO A 1 4.70 5.86 3.32
C PRO A 1 3.30 5.27 3.07
N PRO A 2 2.45 5.21 4.11
CA PRO A 2 1.08 4.67 3.99
C PRO A 2 0.23 5.47 3.02
N ILE A 3 -0.35 4.78 2.02
CA ILE A 3 -1.20 5.43 1.01
C ILE A 3 -0.61 6.79 0.65
N LEU A 4 0.72 6.83 0.66
CA LEU A 4 1.45 8.05 0.36
C LEU A 4 1.97 7.97 -1.05
N LEU A 5 2.92 7.07 -1.26
CA LEU A 5 3.49 6.88 -2.58
C LEU A 5 4.72 5.98 -2.54
N ARG B 1 4.78 0.28 1.83
CA ARG B 1 4.40 -0.98 2.46
C ARG B 1 3.59 -0.76 3.74
N GLN B 2 3.76 0.41 4.37
CA GLN B 2 3.02 0.71 5.60
C GLN B 2 1.55 0.37 5.42
N ILE B 3 0.86 1.13 4.57
CA ILE B 3 -0.53 0.85 4.29
C ILE B 3 -0.58 -0.38 3.38
N LYS B 4 -0.03 -1.48 3.90
CA LYS B 4 -0.03 -2.74 3.18
C LYS B 4 -1.39 -3.38 3.32
N ILE B 5 -2.37 -2.52 3.21
CA ILE B 5 -3.75 -2.89 3.28
C ILE B 5 -4.40 -2.63 1.92
C1 NAL B 6 -5.75 1.04 2.05
C2 NAL B 6 -6.07 -0.12 1.39
C3 NAL B 6 -6.83 -1.09 2.02
C4 NAL B 6 -7.27 -0.92 3.31
C4A NAL B 6 -6.96 0.25 4.01
C5 NAL B 6 -7.41 0.46 5.32
C6 NAL B 6 -7.06 1.62 5.99
C7 NAL B 6 -6.28 2.58 5.37
C8 NAL B 6 -5.83 2.40 4.07
C8A NAL B 6 -6.17 1.24 3.37
C9 NAL B 6 -5.59 -0.35 -0.02
CA NAL B 6 -4.36 -1.26 -0.12
C NAL B 6 -3.27 -0.59 -0.96
N NAL B 6 -3.86 -1.62 1.21
O NAL B 6 -2.60 -1.24 -1.76
H1 NAL B 6 -5.14 1.78 1.55
H3 NAL B 6 -7.06 -2.00 1.49
H4 NAL B 6 -7.88 -1.69 3.78
H5 NAL B 6 -8.01 -0.28 5.82
H6 NAL B 6 -7.41 1.78 6.99
H7 NAL B 6 -6.01 3.48 5.91
H8 NAL B 6 -5.24 3.17 3.60
H91 NAL B 6 -6.39 -0.79 -0.58
H92 NAL B 6 -5.35 0.61 -0.45
HA NAL B 6 -4.65 -2.18 -0.61
H NAL B 6 -3.12 -1.12 1.59
N PHE B 7 -3.10 0.75 -0.81
CA PHE B 7 -2.10 1.48 -1.58
C PHE B 7 -0.72 0.90 -1.40
N GLN B 8 -0.27 0.83 -0.17
CA GLN B 8 1.03 0.24 0.11
C GLN B 8 0.86 -1.26 0.23
N ASN B 9 -0.23 -1.77 -0.38
CA ASN B 9 -0.56 -3.18 -0.39
C ASN B 9 -0.75 -3.73 -1.80
N ARG B 10 -1.00 -2.87 -2.78
CA ARG B 10 -1.25 -3.33 -4.14
C ARG B 10 -2.37 -4.36 -4.11
N ARG B 11 -3.15 -4.30 -3.04
CA ARG B 11 -4.22 -5.24 -2.78
C ARG B 11 -3.64 -6.35 -1.88
N NLE B 12 -2.31 -6.53 -1.95
CA NLE B 12 -1.60 -7.52 -1.13
C NLE B 12 -0.15 -7.09 -0.81
O NLE B 12 0.32 -7.27 0.31
CB NLE B 12 -1.65 -8.90 -1.78
CG NLE B 12 -0.74 -9.05 -3.00
CD NLE B 12 -1.54 -9.31 -4.27
CE NLE B 12 -2.12 -8.05 -4.86
H NLE B 12 -1.77 -5.96 -2.54
HA NLE B 12 -2.14 -7.56 -0.20
HB2 NLE B 12 -2.67 -9.11 -2.09
HB3 NLE B 12 -1.35 -9.64 -1.05
HG2 NLE B 12 -0.07 -9.88 -2.83
HG3 NLE B 12 -0.18 -8.14 -3.13
HD2 NLE B 12 -2.35 -9.99 -4.03
HD3 NLE B 12 -0.89 -9.76 -5.00
HE1 NLE B 12 -3.04 -8.28 -5.38
HE2 NLE B 12 -1.42 -7.60 -5.53
HE3 NLE B 12 -2.35 -7.35 -4.05
N LYS B 13 0.57 -6.51 -1.80
CA LYS B 13 1.95 -6.04 -1.60
C LYS B 13 1.95 -4.52 -1.43
C1 NAL B 14 5.28 -2.12 -2.94
C2 NAL B 14 4.14 -1.35 -2.83
C3 NAL B 14 4.02 -0.19 -3.59
C4 NAL B 14 5.02 0.21 -4.45
C4A NAL B 14 6.18 -0.56 -4.58
C5 NAL B 14 7.20 -0.19 -5.45
C6 NAL B 14 8.34 -0.96 -5.53
C7 NAL B 14 8.49 -2.10 -4.76
C8 NAL B 14 7.49 -2.50 -3.90
C8A NAL B 14 6.32 -1.73 -3.80
C9 NAL B 14 3.04 -1.73 -1.87
CA NAL B 14 1.81 -2.34 -2.53
C NAL B 14 1.59 -1.74 -3.91
N NAL B 14 1.85 -3.80 -2.55
O NAL B 14 2.39 -1.95 -4.83
H1 NAL B 14 5.37 -3.02 -2.34
H3 NAL B 14 3.13 0.41 -3.49
H4 NAL B 14 4.89 1.11 -5.03
H5 NAL B 14 7.12 0.71 -6.05
H6 NAL B 14 9.14 -0.67 -6.21
H7 NAL B 14 9.39 -2.69 -4.85
H8 NAL B 14 7.60 -3.40 -3.33
H91 NAL B 14 3.44 -2.42 -1.15
H92 NAL B 14 2.73 -0.83 -1.37
HA NAL B 14 0.96 -2.07 -1.94
H NAL B 14 1.78 -4.27 -3.41
N LYS B 15 0.50 -0.99 -4.04
CA LYS B 15 0.14 -0.35 -5.29
C LYS B 15 -1.13 0.49 -5.12
N LYS B 16 -2.29 -0.15 -5.22
CA LYS B 16 -3.57 0.55 -5.08
C LYS B 16 -4.35 0.02 -3.88
N NH2 B 17 -5.13 0.89 -3.24
HN1 NH2 B 17 -5.64 0.57 -2.47
HN2 NH2 B 17 -5.15 1.81 -3.57
N ABU C . 8.19 2.45 8.27
CD ABU C . 7.54 3.79 8.24
CB ABU C . 6.55 3.95 7.10
CG ABU C . 6.81 5.26 6.37
C ABU C . 5.59 5.79 5.64
OXT ABU C . 5.15 6.91 5.90
H ABU C . 7.49 1.72 8.51
H3 ABU C . 8.61 2.23 7.35
H2 ABU C . 8.95 2.44 9.00
HA1 ABU C . 8.28 4.56 8.08
HA2 ABU C . 7.03 3.99 9.17
HB1 ABU C . 5.55 3.96 7.50
HB2 ABU C . 6.67 3.12 6.41
HG1 ABU C . 7.62 5.12 5.65
HG2 ABU C . 7.13 6.01 7.09
C ACA D . 5.47 0.30 0.68
OXT ACA D . 5.80 -0.73 0.10
C2 ACA D . 5.73 1.64 0.04
C3 ACA D . 5.35 1.66 -1.43
C4 ACA D . 5.22 3.09 -1.94
C5 ACA D . 6.57 3.78 -2.01
C6 ACA D . 6.58 5.07 -1.23
N ACA D . 5.37 5.91 -1.39
H21 ACA D . 5.17 2.40 0.55
H22 ACA D . 6.79 1.86 0.13
H31 ACA D . 6.11 1.14 -2.00
H32 ACA D . 4.40 1.15 -1.55
H41 ACA D . 4.79 3.06 -2.94
H42 ACA D . 4.57 3.64 -1.29
H51 ACA D . 7.33 3.12 -1.60
H52 ACA D . 6.81 3.99 -3.04
H61 ACA D . 6.64 4.72 -0.24
H62 ACA D . 7.45 5.71 -1.48
H ACA D . 5.05 6.43 -0.62
N PRO A 1 5.51 5.48 4.28
CA PRO A 1 4.87 6.12 3.14
C PRO A 1 3.48 5.54 2.82
N PRO A 2 2.59 5.47 3.81
CA PRO A 2 1.23 4.93 3.62
C PRO A 2 0.41 5.72 2.60
N ILE A 3 -0.26 4.99 1.71
CA ILE A 3 -1.13 5.55 0.66
C ILE A 3 -0.45 6.65 -0.15
N LEU A 4 0.05 7.68 0.54
CA LEU A 4 0.72 8.80 -0.12
C LEU A 4 1.39 8.41 -1.43
N LEU A 5 2.49 7.67 -1.34
CA LEU A 5 3.23 7.20 -2.51
C LEU A 5 4.66 6.85 -2.14
N ARG B 1 4.77 0.27 2.21
CA ARG B 1 4.39 -0.92 2.94
C ARG B 1 3.65 -0.59 4.26
N GLN B 2 3.48 0.69 4.56
CA GLN B 2 2.77 1.07 5.77
C GLN B 2 1.31 0.71 5.61
N ILE B 3 0.64 1.42 4.68
CA ILE B 3 -0.74 1.12 4.38
C ILE B 3 -0.75 -0.16 3.54
N LYS B 4 -0.06 -1.19 4.07
CA LYS B 4 0.03 -2.48 3.42
C LYS B 4 -1.30 -3.16 3.53
N ILE B 5 -2.31 -2.38 3.26
CA ILE B 5 -3.68 -2.82 3.30
C ILE B 5 -4.29 -2.64 1.92
C1 NAL B 6 -5.94 0.95 2.00
C2 NAL B 6 -6.12 -0.25 1.31
C3 NAL B 6 -6.80 -1.28 1.92
C4 NAL B 6 -7.31 -1.17 3.19
C4A NAL B 6 -7.14 0.02 3.90
C5 NAL B 6 -7.65 0.18 5.18
C6 NAL B 6 -7.45 1.36 5.87
C7 NAL B 6 -6.75 2.40 5.29
C8 NAL B 6 -6.23 2.27 4.02
C8A NAL B 6 -6.42 1.09 3.30
C9 NAL B 6 -5.55 -0.41 -0.07
CA NAL B 6 -4.31 -1.31 -0.14
C NAL B 6 -3.23 -0.63 -0.99
N NAL B 6 -3.82 -1.61 1.21
O NAL B 6 -2.62 -1.28 -1.83
H1 NAL B 6 -5.39 1.74 1.53
H3 NAL B 6 -6.92 -2.21 1.38
H4 NAL B 6 -7.85 -2.00 3.63
H5 NAL B 6 -8.19 -0.62 5.67
H6 NAL B 6 -7.85 1.48 6.87
H7 NAL B 6 -6.59 3.31 5.84
H8 NAL B 6 -5.70 3.10 3.57
H91 NAL B 6 -6.33 -0.85 -0.70
H92 NAL B 6 -5.30 0.56 -0.45
HA NAL B 6 -4.59 -2.24 -0.60
H NAL B 6 -3.13 -1.04 1.60
N PHE B 7 -3.02 0.66 -0.78
CA PHE B 7 -2.02 1.42 -1.55
C PHE B 7 -0.63 0.84 -1.32
N GLN B 8 -0.27 0.68 -0.06
CA GLN B 8 1.02 0.10 0.27
C GLN B 8 0.88 -1.43 0.28
N ASN B 9 -0.21 -1.92 -0.32
CA ASN B 9 -0.51 -3.34 -0.38
C ASN B 9 -0.79 -3.80 -1.82
N ARG B 10 -1.02 -2.88 -2.74
CA ARG B 10 -1.37 -3.23 -4.13
C ARG B 10 -2.49 -4.26 -4.12
N ARG B 11 -3.23 -4.28 -3.01
CA ARG B 11 -4.27 -5.27 -2.78
C ARG B 11 -3.65 -6.37 -1.93
N NLE B 12 -2.34 -6.60 -2.14
CA NLE B 12 -1.55 -7.57 -1.40
C NLE B 12 -0.16 -7.01 -1.02
O NLE B 12 0.12 -6.80 0.15
CB NLE B 12 -1.39 -8.88 -2.20
CG NLE B 12 -2.67 -9.37 -2.85
CD NLE B 12 -2.54 -9.49 -4.35
CE NLE B 12 -2.19 -8.18 -5.01
H NLE B 12 -1.87 -6.04 -2.81
HA NLE B 12 -2.09 -7.79 -0.49
HB2 NLE B 12 -1.01 -9.64 -1.54
HB3 NLE B 12 -0.66 -8.71 -2.99
HG2 NLE B 12 -3.46 -8.68 -2.62
HG3 NLE B 12 -2.91 -10.34 -2.44
HD2 NLE B 12 -3.48 -9.84 -4.76
HD3 NLE B 12 -1.77 -10.20 -4.58
HE1 NLE B 12 -1.87 -7.47 -4.25
HE2 NLE B 12 -3.05 -7.79 -5.53
HE3 NLE B 12 -1.38 -8.33 -5.72
N LYS B 13 0.69 -6.76 -2.03
CA LYS B 13 2.03 -6.18 -1.80
C LYS B 13 1.96 -4.66 -1.59
C1 NAL B 14 5.14 -1.64 -3.21
C2 NAL B 14 3.95 -1.08 -2.79
C3 NAL B 14 3.63 0.22 -3.16
C4 NAL B 14 4.48 0.96 -3.95
C4A NAL B 14 5.68 0.41 -4.39
C5 NAL B 14 6.56 1.16 -5.20
C6 NAL B 14 7.74 0.59 -5.60
C7 NAL B 14 8.09 -0.70 -5.22
C8 NAL B 14 7.25 -1.45 -4.43
C8A NAL B 14 6.03 -0.89 -4.00
C9 NAL B 14 3.01 -1.84 -1.89
CA NAL B 14 1.80 -2.42 -2.60
C NAL B 14 1.60 -1.77 -3.97
N NAL B 14 1.88 -3.89 -2.69
O NAL B 14 2.40 -1.95 -4.88
H1 NAL B 14 5.38 -2.65 -2.92
H3 NAL B 14 2.70 0.64 -2.81
H4 NAL B 14 4.19 1.97 -4.23
H5 NAL B 14 6.31 2.16 -5.50
H6 NAL B 14 8.42 1.16 -6.23
H7 NAL B 14 9.03 -1.11 -5.54
H8 NAL B 14 7.52 -2.44 -4.15
H91 NAL B 14 3.57 -2.63 -1.42
H92 NAL B 14 2.65 -1.16 -1.15
HA NAL B 14 0.93 -2.20 -2.02
H NAL B 14 1.86 -4.31 -3.57
N LYS B 15 0.51 -1.01 -4.08
CA LYS B 15 0.17 -0.32 -5.32
C LYS B 15 -1.05 0.59 -5.11
N LYS B 16 -2.25 0.00 -5.18
CA LYS B 16 -3.49 0.75 -5.00
C LYS B 16 -4.19 0.33 -3.71
N NH2 B 17 -4.48 -0.96 -3.59
HN1 NH2 B 17 -4.93 -1.25 -2.76
HN2 NH2 B 17 -4.22 -1.57 -4.31
N ABU C . 6.91 2.71 8.75
CD ABU C . 7.39 4.03 8.25
CB ABU C . 6.28 4.89 7.66
CG ABU C . 6.78 5.55 6.36
C ABU C . 5.64 6.05 5.49
OXT ABU C . 5.20 7.18 5.70
H ABU C . 7.10 1.96 8.04
H3 ABU C . 7.39 2.46 9.63
H2 ABU C . 5.88 2.75 8.92
HA1 ABU C . 8.10 3.89 7.44
HA2 ABU C . 7.88 4.58 9.03
HB1 ABU C . 6.02 5.66 8.37
HB2 ABU C . 5.42 4.27 7.44
HG1 ABU C . 7.36 4.83 5.81
HG2 ABU C . 7.42 6.38 6.63
C ACA D . 4.69 0.31 0.88
OXT ACA D . 4.28 -0.64 0.22
C2 ACA D . 5.69 1.27 0.29
C3 ACA D . 5.44 1.53 -1.17
C4 ACA D . 6.35 2.63 -1.72
C5 ACA D . 6.35 3.87 -0.84
C6 ACA D . 6.30 5.13 -1.65
N ACA D . 4.94 5.56 -2.00
H21 ACA D . 5.65 2.19 0.83
H22 ACA D . 6.68 0.85 0.41
H31 ACA D . 5.61 0.62 -1.73
H32 ACA D . 4.41 1.84 -1.30
H41 ACA D . 7.36 2.23 -1.78
H42 ACA D . 6.02 2.90 -2.72
H51 ACA D . 5.49 3.82 -0.18
H52 ACA D . 7.25 3.87 -0.24
H61 ACA D . 6.74 5.82 -1.00
H62 ACA D . 6.88 5.04 -2.59
H ACA D . 4.24 4.90 -2.14
N PRO A 1 5.71 4.74 4.71
CA PRO A 1 5.25 5.31 3.45
C PRO A 1 3.79 4.95 3.11
N PRO A 2 2.85 5.17 4.05
CA PRO A 2 1.42 4.85 3.83
C PRO A 2 0.76 5.72 2.77
N ILE A 3 0.05 5.08 1.85
CA ILE A 3 -0.67 5.78 0.77
C ILE A 3 0.01 7.09 0.41
N LEU A 4 1.00 7.00 -0.45
CA LEU A 4 1.75 8.17 -0.87
C LEU A 4 2.52 7.90 -2.16
N LEU A 5 2.58 6.64 -2.55
CA LEU A 5 3.30 6.23 -3.75
C LEU A 5 4.79 6.09 -3.45
N ARG B 1 4.75 0.30 2.00
CA ARG B 1 4.42 -0.90 2.74
C ARG B 1 3.69 -0.61 4.06
N GLN B 2 3.52 0.67 4.42
CA GLN B 2 2.81 1.00 5.66
C GLN B 2 1.35 0.65 5.48
N ILE B 3 0.70 1.31 4.54
CA ILE B 3 -0.69 1.02 4.23
C ILE B 3 -0.70 -0.27 3.44
N LYS B 4 -0.09 -1.30 4.00
CA LYS B 4 -0.02 -2.60 3.39
C LYS B 4 -1.37 -3.27 3.51
N ILE B 5 -2.37 -2.45 3.27
CA ILE B 5 -3.75 -2.85 3.31
C ILE B 5 -4.34 -2.63 1.91
C1 NAL B 6 -6.01 0.95 2.01
C2 NAL B 6 -6.17 -0.23 1.31
C3 NAL B 6 -6.85 -1.28 1.88
C4 NAL B 6 -7.39 -1.19 3.14
C4A NAL B 6 -7.24 -0.01 3.88
C5 NAL B 6 -7.79 0.11 5.15
C6 NAL B 6 -7.60 1.29 5.87
C7 NAL B 6 -6.90 2.35 5.31
C8 NAL B 6 -6.36 2.25 4.05
C8A NAL B 6 -6.52 1.07 3.31
C9 NAL B 6 -5.56 -0.36 -0.07
CA NAL B 6 -4.33 -1.27 -0.13
C NAL B 6 -3.23 -0.60 -0.96
N NAL B 6 -3.86 -1.59 1.23
O NAL B 6 -2.58 -1.25 -1.78
H1 NAL B 6 -5.46 1.76 1.57
H3 NAL B 6 -6.95 -2.19 1.31
H4 NAL B 6 -7.93 -2.04 3.55
H5 NAL B 6 -8.33 -0.70 5.60
H6 NAL B 6 -8.03 1.38 6.85
H7 NAL B 6 -6.76 3.25 5.88
H8 NAL B 6 -5.82 3.09 3.62
H91 NAL B 6 -6.32 -0.78 -0.72
H92 NAL B 6 -5.30 0.62 -0.42
HA NAL B 6 -4.60 -2.20 -0.60
H NAL B 6 -3.17 -1.03 1.63
N PHE B 7 -3.04 0.72 -0.78
CA PHE B 7 -2.04 1.46 -1.54
C PHE B 7 -0.65 0.88 -1.33
N GLN B 8 -0.23 0.76 -0.09
CA GLN B 8 1.05 0.17 0.21
C GLN B 8 0.89 -1.34 0.29
N ASN B 9 -0.20 -1.84 -0.33
CA ASN B 9 -0.52 -3.25 -0.35
C ASN B 9 -0.79 -3.77 -1.76
N ARG B 10 -0.98 -2.88 -2.74
CA ARG B 10 -1.30 -3.32 -4.10
C ARG B 10 -2.40 -4.37 -4.03
N ARG B 11 -3.22 -4.27 -3.00
CA ARG B 11 -4.25 -5.24 -2.72
C ARG B 11 -3.63 -6.37 -1.88
N NLE B 12 -2.32 -6.60 -2.10
CA NLE B 12 -1.56 -7.59 -1.36
C NLE B 12 -0.15 -7.09 -1.00
O NLE B 12 0.22 -7.07 0.18
CB NLE B 12 -1.45 -8.90 -2.16
CG NLE B 12 -2.76 -9.35 -2.79
CD NLE B 12 -2.64 -9.45 -4.31
CE NLE B 12 -2.17 -8.16 -4.95
H NLE B 12 -1.85 -6.06 -2.77
HA NLE B 12 -2.10 -7.78 -0.45
HB2 NLE B 12 -1.11 -9.69 -1.49
HB3 NLE B 12 -0.73 -8.78 -2.95
HG2 NLE B 12 -3.54 -8.64 -2.56
HG3 NLE B 12 -3.02 -10.32 -2.40
HD2 NLE B 12 -3.61 -9.71 -4.72
HD3 NLE B 12 -1.93 -10.23 -4.56
HE1 NLE B 12 -2.99 -7.70 -5.49
HE2 NLE B 12 -1.37 -8.37 -5.63
HE3 NLE B 12 -1.83 -7.49 -4.18
N LYS B 13 0.63 -6.65 -2.01
CA LYS B 13 1.99 -6.12 -1.78
C LYS B 13 1.96 -4.61 -1.57
C1 NAL B 14 5.18 -1.72 -3.21
C2 NAL B 14 4.00 -1.11 -2.84
C3 NAL B 14 3.71 0.15 -3.31
C4 NAL B 14 4.57 0.83 -4.13
C4A NAL B 14 5.77 0.24 -4.51
C5 NAL B 14 6.67 0.91 -5.36
C6 NAL B 14 7.86 0.30 -5.71
C7 NAL B 14 8.17 -0.97 -5.23
C8 NAL B 14 7.31 -1.64 -4.39
C8A NAL B 14 6.10 -1.04 -4.03
C9 NAL B 14 3.03 -1.80 -1.91
CA NAL B 14 1.81 -2.39 -2.60
C NAL B 14 1.60 -1.76 -3.97
N NAL B 14 1.86 -3.85 -2.67
O NAL B 14 2.40 -1.96 -4.89
H1 NAL B 14 5.40 -2.71 -2.83
H3 NAL B 14 2.78 0.62 -3.00
H4 NAL B 14 4.31 1.82 -4.48
H5 NAL B 14 6.45 1.90 -5.73
H6 NAL B 14 8.55 0.80 -6.36
H7 NAL B 14 9.11 -1.42 -5.50
H8 NAL B 14 7.56 -2.64 -4.04
H91 NAL B 14 3.56 -2.58 -1.39
H92 NAL B 14 2.68 -1.07 -1.21
HA NAL B 14 0.95 -2.14 -2.00
H NAL B 14 1.82 -4.29 -3.54
N LYS B 15 0.52 -0.99 -4.09
CA LYS B 15 0.19 -0.33 -5.33
C LYS B 15 -1.06 0.55 -5.15
N LYS B 16 -2.24 -0.07 -5.16
CA LYS B 16 -3.49 0.67 -4.99
C LYS B 16 -4.20 0.21 -3.72
N NH2 B 17 -4.42 -1.09 -3.59
HN1 NH2 B 17 -4.88 -1.42 -2.79
HN2 NH2 B 17 -4.12 -1.68 -4.32
N ABU C . 7.28 2.09 9.24
CD ABU C . 7.17 3.54 8.92
CB ABU C . 6.22 3.86 7.79
CG ABU C . 6.88 4.83 6.81
C ABU C . 5.89 5.44 5.85
OXT ABU C . 5.67 6.65 5.89
H ABU C . 8.26 1.84 9.45
H3 ABU C . 6.68 1.86 10.06
H2 ABU C . 6.95 1.53 8.42
HA1 ABU C . 8.13 3.92 8.60
HA2 ABU C . 6.88 4.09 9.81
HB1 ABU C . 5.32 4.31 8.20
HB2 ABU C . 5.97 2.95 7.28
HG1 ABU C . 7.64 4.30 6.26
HG2 ABU C . 7.35 5.62 7.38
C ACA D . 5.27 0.20 0.77
OXT ACA D . 5.50 -0.88 0.22
C2 ACA D . 5.80 1.49 0.18
C3 ACA D . 5.48 1.63 -1.29
C4 ACA D . 6.47 2.57 -2.00
C5 ACA D . 6.72 3.84 -1.21
C6 ACA D . 6.49 5.07 -2.05
N ACA D . 5.10 5.29 -2.43
H21 ACA D . 5.36 2.32 0.72
H22 ACA D . 6.87 1.53 0.32
H31 ACA D . 5.53 0.66 -1.75
H32 ACA D . 4.48 2.03 -1.40
H41 ACA D . 7.40 2.04 -2.14
H42 ACA D . 6.06 2.82 -2.97
H51 ACA D . 6.06 3.87 -0.36
H52 ACA D . 7.74 3.84 -0.86
H61 ACA D . 6.81 5.83 -1.40
H62 ACA D . 7.11 5.07 -2.98
H ACA D . 4.38 4.83 -1.96
N PRO A 1 5.56 4.89 4.38
CA PRO A 1 5.00 5.45 3.15
C PRO A 1 3.52 5.06 2.91
N PRO A 2 2.63 5.27 3.90
CA PRO A 2 1.21 4.92 3.78
C PRO A 2 0.46 5.72 2.70
N ILE A 3 -0.06 5.00 1.70
CA ILE A 3 -0.83 5.62 0.61
C ILE A 3 0.05 6.48 -0.29
N LEU A 4 0.82 7.38 0.31
CA LEU A 4 1.72 8.27 -0.41
C LEU A 4 2.43 7.55 -1.55
N LEU A 5 2.56 6.23 -1.42
CA LEU A 5 3.19 5.38 -2.41
C LEU A 5 4.70 5.29 -2.21
N ARG B 1 4.90 0.16 2.18
CA ARG B 1 4.40 -1.02 2.89
C ARG B 1 3.69 -0.65 4.20
N GLN B 2 3.47 0.63 4.43
CA GLN B 2 2.76 1.05 5.64
C GLN B 2 1.29 0.74 5.46
N ILE B 3 0.67 1.37 4.48
CA ILE B 3 -0.71 1.09 4.15
C ILE B 3 -0.73 -0.23 3.41
N LYS B 4 -0.10 -1.24 4.02
CA LYS B 4 -0.03 -2.57 3.44
C LYS B 4 -1.39 -3.23 3.54
N ILE B 5 -2.39 -2.39 3.32
CA ILE B 5 -3.77 -2.79 3.35
C ILE B 5 -4.35 -2.62 1.95
C1 NAL B 6 -6.05 0.95 1.94
C2 NAL B 6 -6.19 -0.24 1.26
C3 NAL B 6 -6.87 -1.30 1.85
C4 NAL B 6 -7.42 -1.18 3.10
C4A NAL B 6 -7.30 0.01 3.80
C5 NAL B 6 -7.86 0.17 5.08
C6 NAL B 6 -7.71 1.36 5.76
C7 NAL B 6 -7.01 2.41 5.19
C8 NAL B 6 -6.45 2.28 3.94
C8A NAL B 6 -6.59 1.10 3.22
C9 NAL B 6 -5.57 -0.41 -0.10
CA NAL B 6 -4.31 -1.29 -0.11
C NAL B 6 -3.21 -0.61 -0.92
N NAL B 6 -3.87 -1.58 1.25
O NAL B 6 -2.53 -1.25 -1.72
H1 NAL B 6 -5.51 1.76 1.48
H3 NAL B 6 -6.95 -2.23 1.31
H4 NAL B 6 -7.96 -2.02 3.53
H5 NAL B 6 -8.41 -0.65 5.54
H6 NAL B 6 -8.15 1.48 6.74
H7 NAL B 6 -6.90 3.33 5.74
H8 NAL B 6 -5.92 3.13 3.51
H91 NAL B 6 -6.31 -0.86 -0.75
H92 NAL B 6 -5.31 0.57 -0.48
HA NAL B 6 -4.56 -2.23 -0.58
H NAL B 6 -3.20 -1.00 1.66
N PHE B 7 -3.03 0.70 -0.73
CA PHE B 7 -2.00 1.45 -1.47
C PHE B 7 -0.63 0.82 -1.29
N GLN B 8 -0.18 0.74 -0.05
CA GLN B 8 1.09 0.12 0.25
C GLN B 8 0.91 -1.40 0.32
N ASN B 9 -0.16 -1.87 -0.34
CA ASN B 9 -0.49 -3.28 -0.36
C ASN B 9 -0.78 -3.78 -1.78
N ARG B 10 -0.98 -2.88 -2.73
CA ARG B 10 -1.31 -3.30 -4.10
C ARG B 10 -2.43 -4.33 -4.07
N ARG B 11 -3.19 -4.31 -2.99
CA ARG B 11 -4.24 -5.29 -2.75
C ARG B 11 -3.62 -6.44 -1.95
N NLE B 12 -2.29 -6.63 -2.11
CA NLE B 12 -1.57 -7.66 -1.40
C NLE B 12 -0.11 -7.24 -1.08
O NLE B 12 0.39 -7.49 0.02
CB NLE B 12 -1.61 -9.00 -2.15
CG NLE B 12 -0.71 -9.06 -3.38
CD NLE B 12 -1.52 -9.22 -4.66
CE NLE B 12 -2.19 -7.93 -5.09
H NLE B 12 -1.80 -6.04 -2.71
HA NLE B 12 -2.08 -7.79 -0.45
HB2 NLE B 12 -2.62 -9.19 -2.46
HB3 NLE B 12 -1.29 -9.78 -1.47
HG2 NLE B 12 -0.03 -9.88 -3.28
HG3 NLE B 12 -0.14 -8.13 -3.45
HD2 NLE B 12 -2.29 -9.96 -4.49
HD3 NLE B 12 -0.88 -9.55 -5.45
HE1 NLE B 12 -1.72 -7.57 -6.00
HE2 NLE B 12 -2.08 -7.20 -4.31
HE3 NLE B 12 -3.24 -8.11 -5.27
N LYS B 13 0.57 -6.58 -2.03
CA LYS B 13 1.95 -6.10 -1.82
C LYS B 13 1.96 -4.59 -1.60
C1 NAL B 14 5.17 -1.71 -3.25
C2 NAL B 14 3.99 -1.10 -2.84
C3 NAL B 14 3.71 0.19 -3.24
C4 NAL B 14 4.57 0.89 -4.06
C4A NAL B 14 5.76 0.29 -4.48
C5 NAL B 14 6.64 0.98 -5.32
C6 NAL B 14 7.83 0.38 -5.71
C7 NAL B 14 8.13 -0.91 -5.29
C8 NAL B 14 7.27 -1.61 -4.47
C8A NAL B 14 6.07 -1.02 -4.06
C9 NAL B 14 3.03 -1.81 -1.93
CA NAL B 14 1.79 -2.36 -2.61
C NAL B 14 1.59 -1.72 -3.98
N NAL B 14 1.84 -3.82 -2.69
O NAL B 14 2.41 -1.88 -4.88
H1 NAL B 14 5.38 -2.71 -2.92
H3 NAL B 14 2.79 0.65 -2.91
H4 NAL B 14 4.32 1.90 -4.37
H5 NAL B 14 6.43 1.99 -5.65
H6 NAL B 14 8.51 0.90 -6.35
H7 NAL B 14 9.06 -1.36 -5.60
H8 NAL B 14 7.52 -2.61 -4.17
H91 NAL B 14 3.57 -2.61 -1.43
H92 NAL B 14 2.70 -1.09 -1.20
HA NAL B 14 0.94 -2.11 -2.01
H NAL B 14 1.74 -4.26 -3.56
N LYS B 15 0.49 -0.99 -4.11
CA LYS B 15 0.16 -0.33 -5.36
C LYS B 15 -1.08 0.53 -5.21
N LYS B 16 -2.25 -0.11 -5.22
CA LYS B 16 -3.52 0.61 -5.09
C LYS B 16 -4.16 0.30 -3.73
N NH2 B 17 -4.40 -0.99 -3.48
HN1 NH2 B 17 -4.82 -1.20 -2.62
HN2 NH2 B 17 -4.15 -1.64 -4.14
N ABU C . 7.59 2.30 8.78
CD ABU C . 7.32 3.74 8.48
CB ABU C . 6.33 3.95 7.36
CG ABU C . 6.87 5.01 6.38
C ABU C . 5.79 5.60 5.50
OXT ABU C . 5.54 6.80 5.56
H ABU C . 7.76 2.17 9.80
H3 ABU C . 6.78 1.72 8.50
H2 ABU C . 8.43 1.98 8.27
HA1 ABU C . 8.22 4.23 8.15
HA2 ABU C . 6.96 4.25 9.36
HB1 ABU C . 5.39 4.29 7.76
HB2 ABU C . 6.18 3.02 6.83
HG1 ABU C . 7.62 4.55 5.76
HG2 ABU C . 7.33 5.81 6.96
C ACA D . 4.87 0.21 0.86
OXT ACA D . 4.43 -0.71 0.16
C2 ACA D . 5.51 1.41 0.21
C3 ACA D . 5.71 1.25 -1.28
C4 ACA D . 7.11 1.64 -1.70
C5 ACA D . 7.20 3.09 -2.18
C6 ACA D . 6.54 4.04 -1.21
N ACA D . 5.12 4.25 -1.47
H21 ACA D . 4.90 2.28 0.39
H22 ACA D . 6.48 1.58 0.67
H31 ACA D . 5.54 0.21 -1.54
H32 ACA D . 4.99 1.86 -1.80
H41 ACA D . 7.79 1.50 -0.87
H42 ACA D . 7.43 0.99 -2.51
H51 ACA D . 8.24 3.36 -2.29
H52 ACA D . 6.70 3.17 -3.13
H61 ACA D . 6.68 3.56 -0.30
H62 ACA D . 7.04 5.04 -1.22
H ACA D . 4.46 3.63 -1.11
N PRO A 1 5.59 4.89 4.68
CA PRO A 1 5.10 5.41 3.41
C PRO A 1 3.65 5.02 3.10
N PRO A 2 2.71 5.22 4.05
CA PRO A 2 1.30 4.88 3.86
C PRO A 2 0.62 5.69 2.74
N ILE A 3 0.01 4.96 1.81
CA ILE A 3 -0.70 5.56 0.66
C ILE A 3 0.13 6.60 -0.09
N LEU A 4 0.56 7.64 0.63
CA LEU A 4 1.35 8.72 0.05
C LEU A 4 1.94 8.37 -1.32
N LEU A 5 2.94 7.50 -1.32
CA LEU A 5 3.58 7.07 -2.56
C LEU A 5 4.79 6.18 -2.29
N ARG B 1 4.69 0.26 2.23
CA ARG B 1 4.32 -0.97 2.93
C ARG B 1 3.59 -0.69 4.24
N GLN B 2 3.49 0.58 4.63
CA GLN B 2 2.78 0.93 5.86
C GLN B 2 1.31 0.59 5.66
N ILE B 3 0.68 1.28 4.73
CA ILE B 3 -0.69 1.02 4.37
C ILE B 3 -0.71 -0.25 3.54
N LYS B 4 -0.07 -1.31 4.07
CA LYS B 4 -0.01 -2.60 3.41
C LYS B 4 -1.35 -3.26 3.52
N ILE B 5 -2.35 -2.46 3.21
CA ILE B 5 -3.72 -2.86 3.24
C ILE B 5 -4.30 -2.64 1.84
C1 NAL B 6 -5.95 0.94 2.00
C2 NAL B 6 -6.12 -0.21 1.28
C3 NAL B 6 -6.80 -1.28 1.83
C4 NAL B 6 -7.34 -1.21 3.10
C4A NAL B 6 -7.19 -0.04 3.84
C5 NAL B 6 -7.73 0.06 5.13
C6 NAL B 6 -7.54 1.22 5.86
C7 NAL B 6 -6.84 2.29 5.33
C8 NAL B 6 -6.29 2.21 4.06
C8A NAL B 6 -6.47 1.04 3.30
C9 NAL B 6 -5.53 -0.34 -0.10
CA NAL B 6 -4.29 -1.24 -0.17
C NAL B 6 -3.20 -0.55 -1.01
N NAL B 6 -3.83 -1.58 1.17
O NAL B 6 -2.54 -1.19 -1.82
H1 NAL B 6 -5.40 1.76 1.57
H3 NAL B 6 -6.91 -2.19 1.26
H4 NAL B 6 -7.89 -2.05 3.49
H5 NAL B 6 -8.29 -0.75 5.57
H6 NAL B 6 -7.96 1.32 6.85
H7 NAL B 6 -6.69 3.18 5.91
H8 NAL B 6 -5.75 3.06 3.65
H91 NAL B 6 -6.28 -0.74 -0.76
H92 NAL B 6 -5.26 0.65 -0.44
HA NAL B 6 -4.56 -2.17 -0.66
H NAL B 6 -3.14 -1.02 1.59
N PHE B 7 -3.02 0.77 -0.81
CA PHE B 7 -2.01 1.53 -1.55
C PHE B 7 -0.63 0.94 -1.36
N GLN B 8 -0.24 0.80 -0.11
CA GLN B 8 1.04 0.20 0.21
C GLN B 8 0.87 -1.32 0.28
N ASN B 9 -0.21 -1.81 -0.35
CA ASN B 9 -0.53 -3.23 -0.36
C ASN B 9 -0.81 -3.77 -1.76
N ARG B 10 -1.00 -2.90 -2.75
CA ARG B 10 -1.32 -3.37 -4.11
C ARG B 10 -2.42 -4.42 -4.02
N ARG B 11 -3.23 -4.31 -2.97
CA ARG B 11 -4.26 -5.28 -2.68
C ARG B 11 -3.62 -6.41 -1.86
N NLE B 12 -2.31 -6.63 -2.09
CA NLE B 12 -1.54 -7.63 -1.36
C NLE B 12 -0.14 -7.12 -1.00
O NLE B 12 0.25 -7.13 0.16
CB NLE B 12 -1.43 -8.93 -2.17
CG NLE B 12 -2.74 -9.39 -2.81
CD NLE B 12 -2.64 -9.45 -4.32
CE NLE B 12 -2.20 -8.15 -4.93
H NLE B 12 -1.86 -6.08 -2.76
HA NLE B 12 -2.08 -7.83 -0.46
HB2 NLE B 12 -1.09 -9.72 -1.51
HB3 NLE B 12 -0.71 -8.79 -2.96
HG2 NLE B 12 -3.53 -8.69 -2.54
HG3 NLE B 12 -2.99 -10.37 -2.43
HD2 NLE B 12 -3.61 -9.72 -4.73
HD3 NLE B 12 -1.91 -10.21 -4.59
HE1 NLE B 12 -1.45 -8.33 -5.70
HE2 NLE B 12 -1.79 -7.50 -4.17
HE3 NLE B 12 -3.05 -7.66 -5.39
N LYS B 13 0.63 -6.65 -2.01
CA LYS B 13 1.98 -6.11 -1.78
C LYS B 13 1.94 -4.60 -1.59
C1 NAL B 14 5.09 -1.58 -3.26
C2 NAL B 14 3.90 -1.03 -2.83
C3 NAL B 14 3.56 0.25 -3.20
C4 NAL B 14 4.39 1.02 -4.00
C4A NAL B 14 5.61 0.49 -4.44
C5 NAL B 14 6.46 1.23 -5.26
C6 NAL B 14 7.66 0.69 -5.66
C7 NAL B 14 8.03 -0.59 -5.29
C8 NAL B 14 7.19 -1.34 -4.48
C8A NAL B 14 5.98 -0.82 -4.06
C9 NAL B 14 2.98 -1.80 -1.95
CA NAL B 14 1.76 -2.40 -2.64
C NAL B 14 1.58 -1.78 -4.01
N NAL B 14 1.83 -3.85 -2.69
O NAL B 14 2.38 -1.98 -4.92
H1 NAL B 14 5.36 -2.58 -2.96
H3 NAL B 14 2.62 0.66 -2.84
H4 NAL B 14 4.09 2.02 -4.28
H5 NAL B 14 6.20 2.24 -5.56
H6 NAL B 14 8.32 1.26 -6.30
H7 NAL B 14 8.97 -0.99 -5.60
H8 NAL B 14 7.49 -2.35 -4.21
H91 NAL B 14 3.55 -2.60 -1.47
H92 NAL B 14 2.62 -1.13 -1.20
HA NAL B 14 0.90 -2.15 -2.05
H NAL B 14 1.79 -4.30 -3.55
N LYS B 15 0.48 -1.03 -4.16
CA LYS B 15 0.16 -0.39 -5.42
C LYS B 15 -1.07 0.51 -5.27
N LYS B 16 -2.26 -0.09 -5.33
CA LYS B 16 -3.51 0.65 -5.22
C LYS B 16 -4.18 0.37 -3.87
N NH2 B 17 -4.57 1.43 -3.19
HN1 NH2 B 17 -5.01 1.27 -2.32
HN2 NH2 B 17 -4.41 2.32 -3.55
N ABU C . 6.57 2.57 9.50
CD ABU C . 7.09 3.84 8.93
CB ABU C . 6.09 4.58 8.08
CG ABU C . 6.76 5.10 6.81
C ABU C . 5.77 5.63 5.79
OXT ABU C . 5.52 6.84 5.78
H ABU C . 7.25 2.19 10.20
H3 ABU C . 5.66 2.73 9.96
H2 ABU C . 6.46 1.87 8.74
HA1 ABU C . 7.93 3.66 8.28
HA2 ABU C . 7.44 4.50 9.72
HB1 ABU C . 5.69 5.42 8.63
HB2 ABU C . 5.29 3.91 7.81
HG1 ABU C . 7.33 4.30 6.37
HG2 ABU C . 7.45 5.89 7.08
C ACA D . 4.53 0.36 0.91
OXT ACA D . 4.07 -0.55 0.24
C2 ACA D . 5.67 1.19 0.38
C3 ACA D . 5.68 1.24 -1.14
C4 ACA D . 6.77 2.17 -1.66
C5 ACA D . 6.20 3.49 -2.15
C6 ACA D . 5.77 4.37 -1.02
N ACA D . 4.65 5.28 -1.34
H21 ACA D . 5.59 2.19 0.76
H22 ACA D . 6.61 0.76 0.72
H31 ACA D . 5.85 0.25 -1.53
H32 ACA D . 4.72 1.60 -1.48
H41 ACA D . 7.47 2.37 -0.86
H42 ACA D . 7.29 1.68 -2.47
H51 ACA D . 6.96 4.00 -2.72
H52 ACA D . 5.36 3.29 -2.79
H61 ACA D . 5.46 3.67 -0.30
H62 ACA D . 6.60 5.00 -0.63
H ACA D . 3.81 5.20 -0.86
N PRO A 1 5.76 4.84 4.58
CA PRO A 1 5.28 5.36 3.29
C PRO A 1 3.84 4.96 2.98
N PRO A 2 2.89 5.17 3.92
CA PRO A 2 1.48 4.80 3.74
C PRO A 2 0.76 5.61 2.67
N ILE A 3 0.00 4.90 1.83
CA ILE A 3 -0.81 5.47 0.74
C ILE A 3 -0.05 6.51 -0.09
N LEU A 4 0.42 7.57 0.56
CA LEU A 4 1.17 8.64 -0.11
C LEU A 4 1.74 8.18 -1.45
N LEU A 5 2.51 7.10 -1.41
CA LEU A 5 3.11 6.54 -2.60
C LEU A 5 4.00 5.35 -2.28
N ARG B 1 4.56 0.28 2.08
CA ARG B 1 4.25 -0.94 2.79
C ARG B 1 3.46 -0.65 4.08
N GLN B 2 3.58 0.55 4.63
CA GLN B 2 2.84 0.90 5.84
C GLN B 2 1.37 0.56 5.64
N ILE B 3 0.75 1.25 4.69
CA ILE B 3 -0.63 0.98 4.34
C ILE B 3 -0.65 -0.29 3.49
N LYS B 4 -0.04 -1.36 4.03
CA LYS B 4 0.00 -2.63 3.34
C LYS B 4 -1.35 -3.28 3.44
N ILE B 5 -2.36 -2.45 3.26
CA ILE B 5 -3.74 -2.84 3.30
C ILE B 5 -4.33 -2.63 1.91
C1 NAL B 6 -5.87 0.99 1.99
C2 NAL B 6 -6.10 -0.20 1.30
C3 NAL B 6 -6.82 -1.21 1.90
C4 NAL B 6 -7.34 -1.07 3.18
C4A NAL B 6 -7.11 0.11 3.89
C5 NAL B 6 -7.63 0.29 5.17
C6 NAL B 6 -7.38 1.46 5.85
C7 NAL B 6 -6.64 2.47 5.28
C8 NAL B 6 -6.12 2.32 4.00
C8A NAL B 6 -6.36 1.15 3.29
C9 NAL B 6 -5.54 -0.39 -0.08
CA NAL B 6 -4.29 -1.27 -0.14
C NAL B 6 -3.20 -0.59 -0.97
N NAL B 6 -3.83 -1.60 1.21
O NAL B 6 -2.48 -1.25 -1.71
H1 NAL B 6 -5.30 1.77 1.51
H3 NAL B 6 -6.98 -2.13 1.36
H4 NAL B 6 -7.91 -1.88 3.62
H5 NAL B 6 -8.21 -0.50 5.65
H6 NAL B 6 -7.79 1.60 6.85
H7 NAL B 6 -6.45 3.38 5.82
H8 NAL B 6 -5.56 3.13 3.56
H91 NAL B 6 -6.31 -0.83 -0.69
H92 NAL B 6 -5.30 0.58 -0.48
HA NAL B 6 -4.56 -2.20 -0.62
H NAL B 6 -3.13 -1.05 1.61
N PHE B 7 -3.07 0.73 -0.84
CA PHE B 7 -2.06 1.48 -1.59
C PHE B 7 -0.67 0.89 -1.39
N GLN B 8 -0.26 0.79 -0.15
CA GLN B 8 1.01 0.20 0.18
C GLN B 8 0.86 -1.31 0.27
N ASN B 9 -0.22 -1.80 -0.36
CA ASN B 9 -0.54 -3.22 -0.37
C ASN B 9 -0.77 -3.75 -1.79
N ARG B 10 -1.02 -2.88 -2.76
CA ARG B 10 -1.29 -3.34 -4.12
C ARG B 10 -2.42 -4.36 -4.09
N ARG B 11 -3.19 -4.32 -3.00
CA ARG B 11 -4.24 -5.28 -2.77
C ARG B 11 -3.65 -6.43 -1.95
N NLE B 12 -2.31 -6.57 -2.02
CA NLE B 12 -1.58 -7.61 -1.29
C NLE B 12 -0.13 -7.16 -0.95
O NLE B 12 0.31 -7.31 0.18
CB NLE B 12 -1.63 -8.93 -2.05
CG NLE B 12 -0.42 -9.84 -1.84
CD NLE B 12 0.25 -10.20 -3.17
CE NLE B 12 0.54 -8.98 -4.02
H NLE B 12 -1.80 -5.95 -2.58
HA NLE B 12 -2.11 -7.73 -0.36
HB2 NLE B 12 -1.71 -8.72 -3.11
HB3 NLE B 12 -2.51 -9.49 -1.74
HG2 NLE B 12 -0.74 -10.75 -1.36
HG3 NLE B 12 0.30 -9.34 -1.22
HD2 NLE B 12 -0.40 -10.86 -3.72
HD3 NLE B 12 1.18 -10.70 -2.96
HE1 NLE B 12 0.13 -9.14 -5.01
HE2 NLE B 12 1.61 -8.83 -4.09
HE3 NLE B 12 0.07 -8.12 -3.58
N LYS B 13 0.57 -6.58 -1.93
CA LYS B 13 1.95 -6.08 -1.72
C LYS B 13 1.95 -4.57 -1.53
C1 NAL B 14 5.17 -1.68 -3.23
C2 NAL B 14 3.99 -1.07 -2.85
C3 NAL B 14 3.70 0.20 -3.29
C4 NAL B 14 4.56 0.89 -4.12
C4A NAL B 14 5.76 0.29 -4.52
C5 NAL B 14 6.64 0.96 -5.37
C6 NAL B 14 7.83 0.36 -5.72
C7 NAL B 14 8.15 -0.91 -5.27
C8 NAL B 14 7.29 -1.59 -4.43
C8A NAL B 14 6.08 -1.00 -4.06
C9 NAL B 14 3.03 -1.76 -1.92
CA NAL B 14 1.81 -2.37 -2.60
C NAL B 14 1.60 -1.76 -3.98
N NAL B 14 1.86 -3.82 -2.64
O NAL B 14 2.41 -1.95 -4.89
H1 NAL B 14 5.40 -2.68 -2.87
H3 NAL B 14 2.77 0.66 -2.98
H4 NAL B 14 4.29 1.88 -4.46
H5 NAL B 14 6.42 1.95 -5.73
H6 NAL B 14 8.52 0.87 -6.39
H7 NAL B 14 9.09 -1.36 -5.55
H8 NAL B 14 7.54 -2.59 -4.10
H91 NAL B 14 3.57 -2.54 -1.39
H92 NAL B 14 2.67 -1.03 -1.22
HA NAL B 14 0.94 -2.10 -2.01
H NAL B 14 1.82 -4.27 -3.50
N LYS B 15 0.50 -1.04 -4.12
CA LYS B 15 0.15 -0.41 -5.39
C LYS B 15 -1.11 0.46 -5.24
N LYS B 16 -2.28 -0.19 -5.31
CA LYS B 16 -3.55 0.52 -5.18
C LYS B 16 -4.29 0.10 -3.92
N NH2 B 17 -5.06 1.01 -3.35
HN1 NH2 B 17 -5.55 0.75 -2.53
HN2 NH2 B 17 -5.12 1.89 -3.76
N ABU C . 6.78 2.42 9.33
CD ABU C . 7.19 3.75 8.83
CB ABU C . 6.18 4.40 7.92
CG ABU C . 6.89 5.03 6.72
C ABU C . 5.93 5.59 5.68
OXT ABU C . 5.69 6.79 5.68
H ABU C . 7.23 2.23 10.25
H3 ABU C . 5.75 2.39 9.45
H2 ABU C . 7.07 1.68 8.66
HA1 ABU C . 8.09 3.67 8.23
HA2 ABU C . 7.40 4.42 9.65
HB1 ABU C . 5.66 5.17 8.45
HB2 ABU C . 5.49 3.66 7.57
HG1 ABU C . 7.52 4.29 6.25
HG2 ABU C . 7.52 5.84 7.07
C ACA D . 5.15 0.25 0.89
OXT ACA D . 5.45 -0.81 0.34
C2 ACA D . 5.65 1.55 0.31
C3 ACA D . 5.50 1.59 -1.20
C4 ACA D . 6.71 2.22 -1.86
C5 ACA D . 6.46 3.66 -2.29
C6 ACA D . 5.99 4.53 -1.14
N ACA D . 5.05 5.60 -1.51
H21 ACA D . 5.09 2.36 0.75
H22 ACA D . 6.70 1.67 0.56
H31 ACA D . 5.37 0.59 -1.57
H32 ACA D . 4.62 2.17 -1.45
H41 ACA D . 7.54 2.21 -1.17
H42 ACA D . 6.98 1.64 -2.73
H51 ACA D . 7.38 4.08 -2.68
H52 ACA D . 5.71 3.67 -3.07
H61 ACA D . 5.49 3.83 -0.53
H62 ACA D . 6.84 5.00 -0.59
H ACA D . 5.21 6.51 -1.19
N PRO A 1 5.65 4.75 4.68
CA PRO A 1 5.17 5.29 3.40
C PRO A 1 3.70 4.92 3.11
N PRO A 2 2.78 5.17 4.05
CA PRO A 2 1.35 4.86 3.88
C PRO A 2 0.68 5.67 2.77
N ILE A 3 0.07 4.96 1.80
CA ILE A 3 -0.64 5.56 0.67
C ILE A 3 0.19 6.60 -0.08
N LEU A 4 0.59 7.67 0.62
CA LEU A 4 1.37 8.75 0.03
C LEU A 4 1.82 8.44 -1.39
N LEU A 5 2.78 7.53 -1.53
CA LEU A 5 3.25 7.15 -2.85
C LEU A 5 4.39 6.13 -2.78
N ARG B 1 4.59 0.29 2.08
CA ARG B 1 4.25 -0.93 2.79
C ARG B 1 3.49 -0.66 4.08
N GLN B 2 3.57 0.56 4.60
CA GLN B 2 2.84 0.92 5.82
C GLN B 2 1.37 0.58 5.63
N ILE B 3 0.75 1.28 4.69
CA ILE B 3 -0.65 1.02 4.37
C ILE B 3 -0.68 -0.25 3.51
N LYS B 4 -0.05 -1.31 4.04
CA LYS B 4 -0.02 -2.59 3.37
C LYS B 4 -1.37 -3.25 3.47
N ILE B 5 -2.36 -2.43 3.26
CA ILE B 5 -3.74 -2.82 3.29
C ILE B 5 -4.33 -2.62 1.90
C1 NAL B 6 -5.85 0.99 1.95
C2 NAL B 6 -6.08 -0.20 1.28
C3 NAL B 6 -6.81 -1.20 1.89
C4 NAL B 6 -7.32 -1.05 3.17
C4A NAL B 6 -7.09 0.15 3.86
C5 NAL B 6 -7.59 0.33 5.14
C6 NAL B 6 -7.34 1.51 5.81
C7 NAL B 6 -6.60 2.52 5.23
C8 NAL B 6 -6.08 2.35 3.95
C8A NAL B 6 -6.33 1.16 3.25
C9 NAL B 6 -5.53 -0.41 -0.11
CA NAL B 6 -4.28 -1.29 -0.16
C NAL B 6 -3.20 -0.59 -0.99
N NAL B 6 -3.82 -1.60 1.20
O NAL B 6 -2.51 -1.23 -1.78
H1 NAL B 6 -5.27 1.76 1.47
H3 NAL B 6 -6.97 -2.13 1.37
H4 NAL B 6 -7.89 -1.85 3.61
H5 NAL B 6 -8.18 -0.43 5.64
H6 NAL B 6 -7.74 1.67 6.81
H7 NAL B 6 -6.40 3.43 5.76
H8 NAL B 6 -5.52 3.16 3.49
H91 NAL B 6 -6.30 -0.88 -0.70
H92 NAL B 6 -5.30 0.56 -0.53
HA NAL B 6 -4.53 -2.22 -0.64
H NAL B 6 -3.11 -1.06 1.58
N PHE B 7 -3.04 0.72 -0.80
CA PHE B 7 -2.05 1.50 -1.54
C PHE B 7 -0.66 0.92 -1.37
N GLN B 8 -0.27 0.74 -0.11
CA GLN B 8 1.02 0.16 0.20
C GLN B 8 0.86 -1.36 0.26
N ASN B 9 -0.23 -1.85 -0.35
CA ASN B 9 -0.55 -3.26 -0.37
C ASN B 9 -0.80 -3.78 -1.79
N ARG B 10 -1.01 -2.90 -2.75
CA ARG B 10 -1.30 -3.33 -4.13
C ARG B 10 -2.41 -4.38 -4.08
N ARG B 11 -3.22 -4.32 -3.03
CA ARG B 11 -4.25 -5.30 -2.77
C ARG B 11 -3.63 -6.39 -1.90
N NLE B 12 -2.31 -6.60 -2.07
CA NLE B 12 -1.56 -7.59 -1.30
C NLE B 12 -0.14 -7.08 -0.95
O NLE B 12 0.25 -7.07 0.22
CB NLE B 12 -1.46 -8.92 -2.05
CG NLE B 12 -2.79 -9.41 -2.62
CD NLE B 12 -2.70 -9.57 -4.14
CE NLE B 12 -2.22 -8.32 -4.83
H NLE B 12 -1.82 -6.06 -2.72
HA NLE B 12 -2.11 -7.73 -0.38
HB2 NLE B 12 -1.09 -9.67 -1.36
HB3 NLE B 12 -0.76 -8.81 -2.86
HG2 NLE B 12 -3.55 -8.70 -2.38
HG3 NLE B 12 -3.02 -10.37 -2.19
HD2 NLE B 12 -3.69 -9.81 -4.51
HD3 NLE B 12 -2.03 -10.38 -4.37
HE1 NLE B 12 -1.91 -7.60 -4.11
HE2 NLE B 12 -3.01 -7.91 -5.44
HE3 NLE B 12 -1.37 -8.57 -5.47
N LYS B 13 0.62 -6.63 -1.97
CA LYS B 13 1.98 -6.10 -1.75
C LYS B 13 1.95 -4.58 -1.57
C1 NAL B 14 5.16 -1.67 -3.22
C2 NAL B 14 3.97 -1.07 -2.85
C3 NAL B 14 3.67 0.20 -3.29
C4 NAL B 14 4.53 0.90 -4.11
C4A NAL B 14 5.75 0.31 -4.49
C5 NAL B 14 6.64 0.99 -5.33
C6 NAL B 14 7.84 0.39 -5.67
C7 NAL B 14 8.16 -0.87 -5.21
C8 NAL B 14 7.29 -1.56 -4.39
C8A NAL B 14 6.07 -0.98 -4.02
C9 NAL B 14 3.01 -1.77 -1.93
CA NAL B 14 1.78 -2.37 -2.62
C NAL B 14 1.59 -1.76 -4.00
N NAL B 14 1.85 -3.84 -2.68
O NAL B 14 2.42 -1.93 -4.90
H1 NAL B 14 5.39 -2.66 -2.85
H3 NAL B 14 2.74 0.65 -2.99
H4 NAL B 14 4.27 1.89 -4.46
H5 NAL B 14 6.41 1.98 -5.70
H6 NAL B 14 8.52 0.91 -6.32
H7 NAL B 14 9.10 -1.32 -5.49
H8 NAL B 14 7.55 -2.56 -4.05
H91 NAL B 14 3.54 -2.55 -1.41
H92 NAL B 14 2.65 -1.05 -1.22
HA NAL B 14 0.92 -2.11 -2.03
H NAL B 14 1.80 -4.28 -3.53
N LYS B 15 0.48 -1.04 -4.17
CA LYS B 15 0.16 -0.41 -5.43
C LYS B 15 -1.08 0.48 -5.31
N LYS B 16 -2.27 -0.13 -5.46
CA LYS B 16 -3.52 0.60 -5.35
C LYS B 16 -4.12 0.44 -3.96
N NH2 B 17 -4.51 1.56 -3.36
HN1 NH2 B 17 -4.91 1.48 -2.48
HN2 NH2 B 17 -4.38 2.41 -3.83
N ABU C . 7.35 2.26 9.24
CD ABU C . 7.17 3.69 8.89
CB ABU C . 6.24 3.92 7.73
CG ABU C . 6.87 4.92 6.75
C ABU C . 5.85 5.49 5.78
OXT ABU C . 5.63 6.71 5.79
H ABU C . 7.90 2.17 10.12
H3 ABU C . 6.42 1.80 9.38
H2 ABU C . 7.85 1.77 8.48
HA1 ABU C . 8.11 4.13 8.60
HA2 ABU C . 6.81 4.24 9.76
HB1 ABU C . 5.30 4.32 8.09
HB2 ABU C . 6.06 2.98 7.23
HG1 ABU C . 7.64 4.41 6.20
HG2 ABU C . 7.30 5.72 7.32
C ACA D . 5.17 0.25 0.88
OXT ACA D . 5.41 -0.81 0.30
C2 ACA D . 5.63 1.55 0.30
C3 ACA D . 5.42 1.64 -1.21
C4 ACA D . 6.08 2.87 -1.82
C5 ACA D . 6.04 4.07 -0.88
C6 ACA D . 6.36 5.34 -1.61
N ACA D . 5.23 6.26 -1.77
H21 ACA D . 5.09 2.36 0.76
H22 ACA D . 6.68 1.68 0.49
H31 ACA D . 5.82 0.76 -1.68
H32 ACA D . 4.35 1.68 -1.42
H41 ACA D . 7.12 2.63 -2.04
H42 ACA D . 5.58 3.12 -2.75
H51 ACA D . 5.05 4.15 -0.47
H52 ACA D . 6.76 3.92 -0.09
H61 ACA D . 7.09 5.77 -0.97
H62 ACA D . 6.79 5.16 -2.62
H ACA D . 5.09 6.99 -1.13
N PRO A 1 5.28 5.73 4.25
CA PRO A 1 4.54 6.44 3.21
C PRO A 1 3.17 5.80 2.90
N PRO A 2 2.32 5.60 3.92
CA PRO A 2 0.99 5.00 3.75
C PRO A 2 0.10 5.76 2.77
N ILE A 3 -0.38 5.04 1.76
CA ILE A 3 -1.28 5.59 0.72
C ILE A 3 -0.71 6.83 0.01
N LEU A 4 -0.35 7.86 0.79
CA LEU A 4 0.20 9.10 0.25
C LEU A 4 0.88 8.89 -1.09
N LEU A 5 2.06 8.27 -1.06
CA LEU A 5 2.82 8.01 -2.27
C LEU A 5 4.22 7.49 -1.95
N ARG B 1 4.73 0.50 2.17
CA ARG B 1 4.49 -0.73 2.92
C ARG B 1 3.76 -0.48 4.25
N GLN B 2 3.50 0.78 4.58
CA GLN B 2 2.79 1.12 5.81
C GLN B 2 1.33 0.73 5.64
N ILE B 3 0.63 1.45 4.79
CA ILE B 3 -0.76 1.14 4.49
C ILE B 3 -0.75 -0.11 3.62
N LYS B 4 -0.03 -1.14 4.10
CA LYS B 4 0.08 -2.41 3.40
C LYS B 4 -1.23 -3.13 3.51
N ILE B 5 -2.27 -2.37 3.25
CA ILE B 5 -3.61 -2.85 3.30
C ILE B 5 -4.24 -2.65 1.93
C1 NAL B 6 -5.91 0.93 2.08
C2 NAL B 6 -6.08 -0.24 1.37
C3 NAL B 6 -6.76 -1.30 1.95
C4 NAL B 6 -7.28 -1.21 3.23
C4A NAL B 6 -7.10 -0.03 3.95
C5 NAL B 6 -7.62 0.10 5.25
C6 NAL B 6 -7.41 1.27 5.95
C7 NAL B 6 -6.71 2.32 5.39
C8 NAL B 6 -6.20 2.23 4.12
C8A NAL B 6 -6.39 1.05 3.38
C9 NAL B 6 -5.52 -0.38 -0.03
CA NAL B 6 -4.30 -1.29 -0.11
C NAL B 6 -3.21 -0.63 -0.97
N NAL B 6 -3.79 -1.60 1.22
O NAL B 6 -2.55 -1.30 -1.76
H1 NAL B 6 -5.36 1.74 1.61
H3 NAL B 6 -6.88 -2.22 1.39
H4 NAL B 6 -7.80 -2.04 3.65
H5 NAL B 6 -8.15 -0.71 5.72
H6 NAL B 6 -7.81 1.38 6.95
H7 NAL B 6 -6.56 3.23 5.96
H8 NAL B 6 -5.67 3.06 3.69
H91 NAL B 6 -6.30 -0.78 -0.65
H92 NAL B 6 -5.26 0.61 -0.38
HA NAL B 6 -4.59 -2.22 -0.58
H NAL B 6 -3.10 -1.03 1.61
N PHE B 7 -3.03 0.69 -0.83
CA PHE B 7 -2.02 1.41 -1.61
C PHE B 7 -0.63 0.85 -1.36
N GLN B 8 -0.30 0.68 -0.09
CA GLN B 8 0.99 0.09 0.27
C GLN B 8 0.85 -1.43 0.28
N ASN B 9 -0.25 -1.92 -0.30
CA ASN B 9 -0.55 -3.34 -0.36
C ASN B 9 -0.82 -3.83 -1.78
N ARG B 10 -0.97 -2.94 -2.75
CA ARG B 10 -1.28 -3.35 -4.12
C ARG B 10 -2.40 -4.38 -4.08
N ARG B 11 -3.23 -4.27 -3.05
CA ARG B 11 -4.28 -5.24 -2.80
C ARG B 11 -3.66 -6.38 -1.99
N NLE B 12 -2.35 -6.60 -2.20
CA NLE B 12 -1.59 -7.64 -1.50
C NLE B 12 -0.19 -7.13 -1.09
O NLE B 12 0.16 -7.14 0.09
CB NLE B 12 -1.47 -8.91 -2.34
CG NLE B 12 -2.77 -9.35 -2.98
CD NLE B 12 -2.67 -9.40 -4.50
CE NLE B 12 -2.19 -8.10 -5.10
H NLE B 12 -1.87 -6.05 -2.84
HA NLE B 12 -2.15 -7.85 -0.60
HB2 NLE B 12 -1.12 -9.71 -1.69
HB3 NLE B 12 -0.75 -8.74 -3.11
HG2 NLE B 12 -3.56 -8.66 -2.71
HG3 NLE B 12 -3.02 -10.34 -2.62
HD2 NLE B 12 -3.63 -9.64 -4.91
HD3 NLE B 12 -1.95 -10.17 -4.77
HE1 NLE B 12 -3.02 -7.61 -5.59
HE2 NLE B 12 -1.41 -8.28 -5.80
HE3 NLE B 12 -1.82 -7.45 -4.30
N LYS B 13 0.61 -6.67 -2.07
CA LYS B 13 1.96 -6.15 -1.79
C LYS B 13 1.93 -4.63 -1.58
C1 NAL B 14 5.13 -1.68 -3.24
C2 NAL B 14 3.96 -1.09 -2.81
C3 NAL B 14 3.65 0.19 -3.20
C4 NAL B 14 4.49 0.93 -4.01
C4A NAL B 14 5.69 0.35 -4.46
C5 NAL B 14 6.56 1.06 -5.29
C6 NAL B 14 7.74 0.48 -5.69
C7 NAL B 14 8.07 -0.80 -5.30
C8 NAL B 14 7.22 -1.53 -4.49
C8A NAL B 14 6.02 -0.96 -4.05
C9 NAL B 14 3.02 -1.84 -1.90
CA NAL B 14 1.78 -2.41 -2.59
C NAL B 14 1.59 -1.76 -3.96
N NAL B 14 1.84 -3.87 -2.67
O NAL B 14 2.40 -1.93 -4.87
H1 NAL B 14 5.37 -2.68 -2.94
H3 NAL B 14 2.72 0.64 -2.85
H4 NAL B 14 4.22 1.93 -4.30
H5 NAL B 14 6.32 2.07 -5.61
H6 NAL B 14 8.40 1.03 -6.35
H7 NAL B 14 9.00 -1.24 -5.63
H8 NAL B 14 7.49 -2.53 -4.20
H91 NAL B 14 3.56 -2.63 -1.43
H92 NAL B 14 2.67 -1.14 -1.16
HA NAL B 14 0.92 -2.16 -1.99
H NAL B 14 1.81 -4.30 -3.55
N LYS B 15 0.49 -1.01 -4.09
CA LYS B 15 0.17 -0.34 -5.33
C LYS B 15 -1.09 0.51 -5.18
N LYS B 16 -2.24 -0.16 -5.16
CA LYS B 16 -3.52 0.51 -5.03
C LYS B 16 -4.20 0.13 -3.71
N NH2 B 17 -4.38 -1.17 -3.51
HN1 NH2 B 17 -4.81 -1.45 -2.67
HN2 NH2 B 17 -4.07 -1.80 -4.19
N ABU C . 7.09 2.69 8.38
CD ABU C . 7.46 4.08 7.98
CB ABU C . 6.28 4.92 7.53
CG ABU C . 6.65 5.70 6.28
C ABU C . 5.43 6.20 5.51
OXT ABU C . 4.93 7.27 5.84
H ABU C . 7.94 2.12 8.53
H3 ABU C . 6.54 2.71 9.25
H2 ABU C . 6.52 2.25 7.63
HA1 ABU C . 8.12 4.06 7.13
HA2 ABU C . 7.96 4.58 8.79
HB1 ABU C . 6.02 5.61 8.32
HB2 ABU C . 5.44 4.26 7.32
HG1 ABU C . 7.24 5.07 5.63
HG2 ABU C . 7.25 6.55 6.56
C ACA D . 4.65 0.52 0.85
OXT ACA D . 4.37 -0.47 0.18
C2 ACA D . 5.49 1.62 0.25
C3 ACA D . 5.19 1.85 -1.23
C4 ACA D . 5.90 3.08 -1.77
C5 ACA D . 5.64 4.30 -0.91
C6 ACA D . 5.69 5.58 -1.71
N ACA D . 4.38 6.17 -2.00
H21 ACA D . 5.31 2.54 0.79
H22 ACA D . 6.54 1.36 0.35
H31 ACA D . 5.52 0.98 -1.79
H32 ACA D . 4.13 1.96 -1.35
H41 ACA D . 6.96 2.89 -1.81
H42 ACA D . 5.54 3.28 -2.77
H51 ACA D . 4.67 4.21 -0.45
H52 ACA D . 6.39 4.36 -0.13
H61 ACA D . 6.24 6.20 -1.07
H62 ACA D . 6.21 5.43 -2.68
H ACA D . 3.62 5.61 -2.24
N PRO A 1 5.36 5.28 4.50
CA PRO A 1 4.72 5.94 3.37
C PRO A 1 3.31 5.40 3.07
N PRO A 2 2.41 5.42 4.07
CA PRO A 2 1.03 4.93 3.90
C PRO A 2 0.26 5.71 2.84
N ILE A 3 -0.25 4.97 1.84
CA ILE A 3 -1.02 5.53 0.73
C ILE A 3 -0.30 6.69 0.03
N LEU A 4 0.06 7.71 0.80
CA LEU A 4 0.75 8.90 0.29
C LEU A 4 1.64 8.56 -0.90
N LEU A 5 2.59 7.65 -0.68
CA LEU A 5 3.52 7.22 -1.71
C LEU A 5 4.79 6.63 -1.08
N ARG B 1 4.91 0.39 2.16
CA ARG B 1 4.44 -0.85 2.77
C ARG B 1 3.70 -0.58 4.09
N GLN B 2 3.52 0.69 4.44
CA GLN B 2 2.80 1.02 5.67
C GLN B 2 1.35 0.63 5.51
N ILE B 3 0.65 1.32 4.61
CA ILE B 3 -0.73 0.99 4.32
C ILE B 3 -0.72 -0.28 3.48
N LYS B 4 -0.06 -1.31 4.03
CA LYS B 4 0.03 -2.61 3.38
C LYS B 4 -1.30 -3.29 3.47
N ILE B 5 -2.32 -2.49 3.21
CA ILE B 5 -3.68 -2.90 3.24
C ILE B 5 -4.28 -2.67 1.86
C1 NAL B 6 -6.06 0.89 2.11
C2 NAL B 6 -6.16 -0.25 1.33
C3 NAL B 6 -6.82 -1.36 1.82
C4 NAL B 6 -7.39 -1.36 3.09
C4A NAL B 6 -7.29 -0.22 3.88
C5 NAL B 6 -7.87 -0.19 5.16
C6 NAL B 6 -7.74 0.95 5.93
C7 NAL B 6 -7.07 2.06 5.46
C8 NAL B 6 -6.50 2.05 4.19
C8A NAL B 6 -6.61 0.91 3.39
C9 NAL B 6 -5.53 -0.30 -0.04
CA NAL B 6 -4.32 -1.23 -0.14
C NAL B 6 -3.23 -0.57 -0.99
N NAL B 6 -3.83 -1.58 1.19
O NAL B 6 -2.60 -1.23 -1.82
H1 NAL B 6 -5.53 1.74 1.72
H3 NAL B 6 -6.87 -2.25 1.21
H4 NAL B 6 -7.91 -2.24 3.44
H5 NAL B 6 -8.39 -1.05 5.55
H6 NAL B 6 -8.19 0.97 6.91
H7 NAL B 6 -6.98 2.93 6.07
H8 NAL B 6 -5.98 2.93 3.84
H91 NAL B 6 -6.28 -0.63 -0.74
H92 NAL B 6 -5.23 0.71 -0.30
HA NAL B 6 -4.63 -2.14 -0.62
H NAL B 6 -3.16 -1.02 1.62
N PHE B 7 -3.02 0.74 -0.83
CA PHE B 7 -2.01 1.47 -1.60
C PHE B 7 -0.63 0.89 -1.37
N GLN B 8 -0.23 0.83 -0.12
CA GLN B 8 1.05 0.25 0.23
C GLN B 8 0.90 -1.27 0.28
N ASN B 9 -0.20 -1.77 -0.32
CA ASN B 9 -0.51 -3.19 -0.34
C ASN B 9 -0.76 -3.72 -1.75
N ARG B 10 -1.02 -2.86 -2.71
CA ARG B 10 -1.33 -3.33 -4.07
C ARG B 10 -2.46 -4.34 -4.01
N ARG B 11 -3.21 -4.29 -2.91
CA ARG B 11 -4.26 -5.25 -2.65
C ARG B 11 -3.64 -6.45 -1.93
N NLE B 12 -2.32 -6.62 -2.11
CA NLE B 12 -1.59 -7.69 -1.46
C NLE B 12 -0.16 -7.24 -1.05
O NLE B 12 0.24 -7.44 0.09
CB NLE B 12 -1.55 -8.94 -2.35
CG NLE B 12 -0.42 -9.92 -2.05
CD NLE B 12 0.93 -9.49 -2.63
CE NLE B 12 0.80 -8.76 -3.96
H NLE B 12 -1.83 -5.99 -2.68
HA NLE B 12 -2.12 -7.93 -0.56
HB2 NLE B 12 -1.47 -8.63 -3.39
HB3 NLE B 12 -2.48 -9.46 -2.23
HG2 NLE B 12 -0.68 -10.89 -2.45
HG3 NLE B 12 -0.32 -10.00 -0.98
HD2 NLE B 12 1.54 -10.37 -2.80
HD3 NLE B 12 1.43 -8.83 -1.94
HE1 NLE B 12 1.78 -8.42 -4.28
HE2 NLE B 12 0.15 -7.90 -3.83
HE3 NLE B 12 0.38 -9.41 -4.71
N LYS B 13 0.59 -6.60 -1.97
CA LYS B 13 1.94 -6.10 -1.65
C LYS B 13 1.93 -4.58 -1.51
C1 NAL B 14 5.16 -1.92 -3.40
C2 NAL B 14 4.02 -1.22 -3.00
C3 NAL B 14 3.78 0.03 -3.51
C4 NAL B 14 4.64 0.62 -4.41
C4A NAL B 14 5.79 -0.06 -4.82
C5 NAL B 14 6.68 0.52 -5.73
C6 NAL B 14 7.82 -0.17 -6.10
C7 NAL B 14 8.08 -1.42 -5.58
C8 NAL B 14 7.22 -2.02 -4.67
C8A NAL B 14 6.06 -1.34 -4.29
C9 NAL B 14 3.06 -1.81 -2.01
CA NAL B 14 1.80 -2.41 -2.63
C NAL B 14 1.57 -1.81 -4.01
N NAL B 14 1.85 -3.87 -2.64
O NAL B 14 2.33 -2.05 -4.95
H1 NAL B 14 5.34 -2.89 -2.98
H3 NAL B 14 2.89 0.56 -3.18
H4 NAL B 14 4.41 1.61 -4.81
H5 NAL B 14 6.49 1.50 -6.14
H6 NAL B 14 8.50 0.26 -6.81
H7 NAL B 14 8.98 -1.95 -5.87
H8 NAL B 14 7.44 -3.00 -4.29
H91 NAL B 14 3.58 -2.57 -1.44
H92 NAL B 14 2.75 -1.02 -1.34
HA NAL B 14 0.98 -2.13 -2.01
H NAL B 14 1.81 -4.34 -3.50
N LYS B 15 0.51 -1.03 -4.11
CA LYS B 15 0.14 -0.37 -5.36
C LYS B 15 -1.09 0.52 -5.18
N LYS B 16 -2.26 -0.10 -5.20
CA LYS B 16 -3.52 0.64 -5.03
C LYS B 16 -4.21 0.24 -3.73
N NH2 B 17 -4.47 -1.05 -3.58
HN1 NH2 B 17 -4.93 -1.33 -2.75
HN2 NH2 B 17 -4.21 -1.66 -4.29
N ABU C . 7.92 2.42 8.45
CD ABU C . 7.32 3.79 8.39
CB ABU C . 6.37 3.98 7.22
CG ABU C . 6.71 5.28 6.50
C ABU C . 5.52 5.83 5.72
OXT ABU C . 5.12 6.97 5.97
H ABU C . 8.89 2.43 8.06
H3 ABU C . 7.96 2.09 9.43
H2 ABU C . 7.35 1.75 7.89
HA1 ABU C . 8.09 4.52 8.24
HA2 ABU C . 6.81 4.01 9.30
HB1 ABU C . 5.36 4.02 7.59
HB2 ABU C . 6.47 3.14 6.54
HG1 ABU C . 7.51 5.09 5.80
HG2 ABU C . 7.03 6.01 7.21
C ACA D . 4.53 0.71 0.93
OXT ACA D . 3.77 0.01 0.26
C2 ACA D . 5.70 1.41 0.25
C3 ACA D . 5.68 1.23 -1.25
C4 ACA D . 5.61 2.56 -1.99
C5 ACA D . 6.73 3.51 -1.57
C6 ACA D . 6.21 4.68 -0.78
N ACA D . 5.03 5.35 -1.34
H21 ACA D . 5.65 2.46 0.47
H22 ACA D . 6.63 1.01 0.64
H31 ACA D . 6.57 0.71 -1.56
H32 ACA D . 4.82 0.64 -1.52
H41 ACA D . 5.68 2.38 -3.05
H42 ACA D . 4.65 3.03 -1.78
H51 ACA D . 7.43 2.97 -0.97
H52 ACA D . 7.22 3.87 -2.46
H61 ACA D . 5.96 4.24 0.13
H62 ACA D . 6.99 5.46 -0.65
H ACA D . 4.41 4.85 -1.92
N PRO A 1 5.47 5.42 4.36
CA PRO A 1 4.73 6.19 3.36
C PRO A 1 3.36 5.56 3.03
N PRO A 2 2.52 5.37 4.05
CA PRO A 2 1.17 4.77 3.89
C PRO A 2 0.28 5.56 2.94
N ILE A 3 -0.27 4.86 1.93
CA ILE A 3 -1.17 5.43 0.93
C ILE A 3 -0.59 6.67 0.22
N LEU A 4 -0.14 7.66 0.99
CA LEU A 4 0.42 8.89 0.43
C LEU A 4 1.14 8.65 -0.89
N LEU A 5 2.36 8.10 -0.82
CA LEU A 5 3.13 7.81 -2.01
C LEU A 5 4.54 7.35 -1.64
N ARG B 1 4.64 0.30 1.97
CA ARG B 1 4.35 -0.97 2.64
C ARG B 1 3.54 -0.75 3.92
N GLN B 2 3.68 0.42 4.54
CA GLN B 2 2.94 0.73 5.75
C GLN B 2 1.47 0.38 5.56
N ILE B 3 0.79 1.15 4.72
CA ILE B 3 -0.60 0.88 4.41
C ILE B 3 -0.65 -0.33 3.49
N LYS B 4 -0.03 -1.43 3.95
CA LYS B 4 -0.03 -2.66 3.17
C LYS B 4 -1.37 -3.33 3.35
N ILE B 5 -2.38 -2.51 3.15
CA ILE B 5 -3.75 -2.91 3.24
C ILE B 5 -4.40 -2.63 1.89
C1 NAL B 6 -5.76 1.04 2.08
C2 NAL B 6 -6.08 -0.12 1.38
C3 NAL B 6 -6.82 -1.11 2.01
C4 NAL B 6 -7.28 -0.97 3.30
C4A NAL B 6 -6.97 0.20 4.02
C5 NAL B 6 -7.42 0.37 5.33
C6 NAL B 6 -7.09 1.52 6.02
C7 NAL B 6 -6.31 2.50 5.43
C8 NAL B 6 -5.87 2.35 4.13
C8A NAL B 6 -6.19 1.20 3.41
C9 NAL B 6 -5.59 -0.31 -0.02
CA NAL B 6 -4.38 -1.24 -0.15
C NAL B 6 -3.28 -0.58 -1.00
N NAL B 6 -3.88 -1.62 1.17
O NAL B 6 -2.64 -1.25 -1.81
H1 NAL B 6 -5.17 1.79 1.60
H3 NAL B 6 -7.04 -2.00 1.46
H4 NAL B 6 -7.87 -1.75 3.75
H5 NAL B 6 -8.02 -0.39 5.81
H6 NAL B 6 -7.45 1.66 7.03
H7 NAL B 6 -6.06 3.39 5.98
H8 NAL B 6 -5.28 3.15 3.68
H91 NAL B 6 -6.40 -0.71 -0.60
H92 NAL B 6 -5.32 0.66 -0.42
HA NAL B 6 -4.70 -2.15 -0.63
H NAL B 6 -3.12 -1.12 1.54
N PHE B 7 -3.08 0.73 -0.84
CA PHE B 7 -2.07 1.46 -1.61
C PHE B 7 -0.69 0.87 -1.41
N GLN B 8 -0.24 0.83 -0.17
CA GLN B 8 1.05 0.24 0.14
C GLN B 8 0.89 -1.27 0.25
N ASN B 9 -0.19 -1.76 -0.37
CA ASN B 9 -0.51 -3.19 -0.37
C ASN B 9 -0.73 -3.73 -1.78
N ARG B 10 -1.00 -2.86 -2.75
CA ARG B 10 -1.28 -3.34 -4.11
C ARG B 10 -2.41 -4.35 -4.06
N ARG B 11 -3.17 -4.30 -2.97
CA ARG B 11 -4.24 -5.25 -2.71
C ARG B 11 -3.65 -6.37 -1.86
N NLE B 12 -2.31 -6.52 -1.91
CA NLE B 12 -1.60 -7.53 -1.13
C NLE B 12 -0.13 -7.13 -0.87
O NLE B 12 0.38 -7.32 0.24
CB NLE B 12 -1.69 -8.92 -1.79
CG NLE B 12 -0.82 -9.07 -3.03
CD NLE B 12 -1.66 -9.28 -4.28
CE NLE B 12 -2.20 -8.00 -4.85
H NLE B 12 -1.79 -5.93 -2.48
HA NLE B 12 -2.11 -7.57 -0.18
HB2 NLE B 12 -2.71 -9.09 -2.06
HB3 NLE B 12 -1.39 -9.65 -1.08
HG2 NLE B 12 -0.17 -9.92 -2.90
HG3 NLE B 12 -0.23 -8.18 -3.17
HD2 NLE B 12 -2.49 -9.92 -4.03
HD3 NLE B 12 -1.05 -9.76 -5.03
HE1 NLE B 12 -1.49 -7.59 -5.55
HE2 NLE B 12 -2.35 -7.28 -4.04
HE3 NLE B 12 -3.14 -8.18 -5.34
N LYS B 13 0.55 -6.55 -1.87
CA LYS B 13 1.94 -6.09 -1.72
C LYS B 13 1.97 -4.57 -1.53
C1 NAL B 14 5.24 -1.83 -3.24
C2 NAL B 14 4.06 -1.17 -2.91
C3 NAL B 14 3.82 0.08 -3.46
C4 NAL B 14 4.70 0.68 -4.32
C4A NAL B 14 5.89 0.03 -4.65
C5 NAL B 14 6.80 0.61 -5.54
C6 NAL B 14 7.98 -0.04 -5.84
C7 NAL B 14 8.26 -1.29 -5.28
C8 NAL B 14 7.37 -1.88 -4.41
C8A NAL B 14 6.17 -1.23 -4.09
C9 NAL B 14 3.08 -1.78 -1.95
CA NAL B 14 1.84 -2.36 -2.60
C NAL B 14 1.60 -1.76 -3.97
N NAL B 14 1.88 -3.83 -2.64
O NAL B 14 2.39 -1.94 -4.90
H1 NAL B 14 5.44 -2.80 -2.80
H3 NAL B 14 2.90 0.58 -3.19
H4 NAL B 14 4.47 1.65 -4.74
H5 NAL B 14 6.61 1.58 -5.97
H6 NAL B 14 8.69 0.40 -6.51
H7 NAL B 14 9.19 -1.78 -5.52
H8 NAL B 14 7.60 -2.85 -4.00
H91 NAL B 14 3.59 -2.53 -1.37
H92 NAL B 14 2.75 -0.98 -1.30
HA NAL B 14 1.00 -2.10 -1.99
H NAL B 14 1.80 -4.28 -3.50
N LYS B 15 0.50 -1.02 -4.08
CA LYS B 15 0.12 -0.37 -5.31
C LYS B 15 -1.15 0.45 -5.13
N LYS B 16 -2.32 -0.20 -5.28
CA LYS B 16 -3.60 0.48 -5.13
C LYS B 16 -4.35 -0.06 -3.92
N NH2 B 17 -5.07 0.82 -3.22
HN1 NH2 B 17 -5.56 0.50 -2.44
HN2 NH2 B 17 -5.08 1.74 -3.52
N ABU C . 7.99 2.02 7.82
CD ABU C . 7.71 3.47 7.92
CB ABU C . 6.52 3.92 7.10
CG ABU C . 6.85 5.19 6.33
C ABU C . 5.64 5.80 5.64
OXT ABU C . 5.17 6.85 6.07
H ABU C . 8.71 1.74 8.51
H3 ABU C . 7.13 1.47 7.99
H2 ABU C . 8.35 1.79 6.86
HA1 ABU C . 8.54 4.05 7.53
HA2 ABU C . 7.55 3.75 8.94
HB1 ABU C . 5.69 4.11 7.76
HB2 ABU C . 6.24 3.13 6.41
HG1 ABU C . 7.60 4.95 5.59
HG2 ABU C . 7.26 5.91 7.02
C ACA D . 5.28 0.33 0.82
OXT ACA D . 5.66 -0.70 0.23
C2 ACA D . 5.67 1.68 0.25
C3 ACA D . 5.35 1.79 -1.23
C4 ACA D . 5.03 3.22 -1.62
C5 ACA D . 6.29 4.06 -1.79
C6 ACA D . 6.07 5.48 -1.34
N ACA D . 4.75 6.04 -1.68
H21 ACA D . 5.14 2.44 0.79
H22 ACA D . 6.74 1.82 0.39
H31 ACA D . 6.20 1.45 -1.80
H32 ACA D . 4.50 1.16 -1.44
H41 ACA D . 4.49 3.21 -2.56
H42 ACA D . 4.41 3.67 -0.85
H51 ACA D . 7.08 3.63 -1.19
H52 ACA D . 6.58 4.06 -2.82
H61 ACA D . 6.17 5.39 -0.30
H62 ACA D . 6.84 6.17 -1.77
H ACA D . 4.02 5.43 -1.92
N PRO A 1 5.42 4.93 4.95
CA PRO A 1 4.85 5.55 3.77
C PRO A 1 3.44 5.05 3.42
N PRO A 2 2.50 5.09 4.38
CA PRO A 2 1.12 4.64 4.16
C PRO A 2 0.40 5.50 3.15
N ILE A 3 -0.08 4.87 2.07
CA ILE A 3 -0.79 5.59 1.01
C ILE A 3 -0.11 6.93 0.73
N LEU A 4 1.20 6.94 0.94
CA LEU A 4 2.01 8.12 0.76
C LEU A 4 2.76 8.10 -0.55
N LEU A 5 2.13 7.50 -1.55
CA LEU A 5 2.72 7.39 -2.87
C LEU A 5 3.91 6.44 -2.89
N ARG B 1 4.61 0.42 1.84
CA ARG B 1 4.38 -0.85 2.54
C ARG B 1 3.56 -0.66 3.82
N GLN B 2 3.72 0.47 4.49
CA GLN B 2 2.96 0.74 5.72
C GLN B 2 1.50 0.39 5.52
N ILE B 3 0.84 1.14 4.64
CA ILE B 3 -0.54 0.88 4.32
C ILE B 3 -0.60 -0.35 3.41
N LYS B 4 0.01 -1.45 3.90
CA LYS B 4 0.00 -2.69 3.15
C LYS B 4 -1.34 -3.34 3.34
N ILE B 5 -2.36 -2.52 3.13
CA ILE B 5 -3.73 -2.91 3.21
C ILE B 5 -4.38 -2.63 1.86
C1 NAL B 6 -5.76 1.03 2.04
C2 NAL B 6 -6.07 -0.13 1.36
C3 NAL B 6 -6.82 -1.11 1.99
C4 NAL B 6 -7.27 -0.96 3.29
C4A NAL B 6 -6.95 0.22 3.99
C5 NAL B 6 -7.39 0.40 5.30
C6 NAL B 6 -7.06 1.56 5.97
C7 NAL B 6 -6.29 2.53 5.36
C8 NAL B 6 -5.84 2.37 4.07
C8A NAL B 6 -6.18 1.22 3.36
C9 NAL B 6 -5.60 -0.34 -0.05
CA NAL B 6 -4.36 -1.24 -0.17
C NAL B 6 -3.28 -0.54 -1.01
N NAL B 6 -3.86 -1.62 1.16
O NAL B 6 -2.64 -1.17 -1.85
H1 NAL B 6 -5.17 1.78 1.54
H3 NAL B 6 -7.05 -2.02 1.45
H4 NAL B 6 -7.85 -1.74 3.76
H5 NAL B 6 -7.98 -0.35 5.80
H6 NAL B 6 -7.40 1.71 6.99
H7 NAL B 6 -6.03 3.43 5.92
H8 NAL B 6 -5.27 3.15 3.60
H91 NAL B 6 -6.40 -0.77 -0.62
H92 NAL B 6 -5.36 0.63 -0.46
HA NAL B 6 -4.65 -2.15 -0.68
H NAL B 6 -3.11 -1.11 1.52
N PHE B 7 -3.09 0.76 -0.79
CA PHE B 7 -2.11 1.54 -1.54
C PHE B 7 -0.71 0.99 -1.38
N GLN B 8 -0.30 0.80 -0.15
CA GLN B 8 0.99 0.25 0.14
C GLN B 8 0.85 -1.27 0.25
N ASN B 9 -0.24 -1.78 -0.34
CA ASN B 9 -0.56 -3.19 -0.35
C ASN B 9 -0.74 -3.74 -1.76
N ARG B 10 -1.02 -2.88 -2.74
CA ARG B 10 -1.26 -3.35 -4.11
C ARG B 10 -2.39 -4.37 -4.07
N ARG B 11 -3.16 -4.32 -2.99
CA ARG B 11 -4.22 -5.26 -2.74
C ARG B 11 -3.65 -6.39 -1.87
N NLE B 12 -2.31 -6.55 -1.94
CA NLE B 12 -1.61 -7.55 -1.14
C NLE B 12 -0.14 -7.15 -0.85
O NLE B 12 0.35 -7.36 0.25
CB NLE B 12 -1.69 -8.93 -1.80
CG NLE B 12 -0.79 -9.09 -3.02
CD NLE B 12 -1.61 -9.32 -4.29
CE NLE B 12 -2.20 -8.04 -4.83
H NLE B 12 -1.79 -5.96 -2.51
HA NLE B 12 -2.13 -7.59 -0.20
HB2 NLE B 12 -2.71 -9.12 -2.10
HB3 NLE B 12 -1.39 -9.68 -1.07
HG2 NLE B 12 -0.14 -9.95 -2.87
HG3 NLE B 12 -0.20 -8.21 -3.15
HD2 NLE B 12 -2.42 -10.00 -4.05
HD3 NLE B 12 -0.98 -9.76 -5.04
HE1 NLE B 12 -2.14 -7.27 -4.08
HE2 NLE B 12 -3.23 -8.20 -5.10
HE3 NLE B 12 -1.64 -7.74 -5.70
N LYS B 13 0.54 -6.55 -1.84
CA LYS B 13 1.94 -6.08 -1.67
C LYS B 13 1.95 -4.56 -1.47
C1 NAL B 14 5.31 -1.96 -2.95
C2 NAL B 14 4.13 -1.25 -2.79
C3 NAL B 14 3.94 -0.07 -3.49
C4 NAL B 14 4.91 0.43 -4.34
C4A NAL B 14 6.10 -0.27 -4.50
C5 NAL B 14 7.10 0.21 -5.36
C6 NAL B 14 8.29 -0.50 -5.49
C7 NAL B 14 8.49 -1.67 -4.79
C8 NAL B 14 7.53 -2.16 -3.93
C8A NAL B 14 6.32 -1.46 -3.79
C9 NAL B 14 3.06 -1.74 -1.85
CA NAL B 14 1.84 -2.35 -2.53
C NAL B 14 1.62 -1.74 -3.90
N NAL B 14 1.88 -3.81 -2.57
O NAL B 14 2.42 -1.93 -4.82
H1 NAL B 14 5.46 -2.87 -2.40
H3 NAL B 14 3.02 0.47 -3.35
H4 NAL B 14 4.72 1.35 -4.88
H5 NAL B 14 6.96 1.12 -5.92
H6 NAL B 14 9.05 -0.14 -6.16
H7 NAL B 14 9.43 -2.20 -4.90
H8 NAL B 14 7.70 -3.09 -3.40
H91 NAL B 14 3.49 -2.46 -1.18
H92 NAL B 14 2.71 -0.88 -1.29
HA NAL B 14 0.98 -2.10 -1.94
H NAL B 14 1.83 -4.26 -3.44
N LYS B 15 0.51 -1.01 -4.03
CA LYS B 15 0.16 -0.37 -5.29
C LYS B 15 -1.12 0.46 -5.13
N LYS B 16 -2.28 -0.17 -5.29
CA LYS B 16 -3.56 0.51 -5.16
C LYS B 16 -4.33 -0.01 -3.95
N NH2 B 17 -5.01 0.89 -3.26
HN1 NH2 B 17 -5.52 0.59 -2.47
HN2 NH2 B 17 -4.98 1.82 -3.56
N ABU C . 6.94 2.03 9.31
CD ABU C . 7.10 3.49 9.02
CB ABU C . 6.00 4.05 8.17
CG ABU C . 6.59 4.95 7.08
C ABU C . 5.54 5.53 6.15
OXT ABU C . 5.17 6.70 6.32
H ABU C . 6.91 1.49 8.43
H3 ABU C . 7.75 1.69 9.88
H2 ABU C . 6.06 1.87 9.84
HA1 ABU C . 8.01 3.67 8.46
HA2 ABU C . 7.17 4.05 9.95
HB1 ABU C . 5.33 4.64 8.78
HB2 ABU C . 5.45 3.25 7.70
HG1 ABU C . 7.30 4.38 6.50
HG2 ABU C . 7.12 5.77 7.56
C ACA D . 5.21 0.44 0.66
OXT ACA D . 5.58 -0.59 0.09
C2 ACA D . 5.54 1.79 0.06
C3 ACA D . 5.13 1.89 -1.40
C4 ACA D . 4.90 3.34 -1.84
C5 ACA D . 5.74 4.33 -1.05
C6 ACA D . 5.93 5.62 -1.80
N ACA D . 4.75 6.48 -1.85
H21 ACA D . 5.03 2.55 0.63
H22 ACA D . 6.60 1.95 0.14
H31 ACA D . 5.90 1.46 -2.01
H32 ACA D . 4.22 1.34 -1.54
H41 ACA D . 5.14 3.43 -2.88
H42 ACA D . 3.85 3.58 -1.71
H51 ACA D . 5.23 4.54 -0.11
H52 ACA D . 6.70 3.89 -0.85
H61 ACA D . 6.68 6.08 -1.24
H62 ACA D . 6.25 5.44 -2.85
H ACA D . 4.56 7.10 -1.12
#